data_4XVX
#
_entry.id   4XVX
#
_cell.length_a   139.104
_cell.length_b   139.104
_cell.length_c   253.093
_cell.angle_alpha   90.00
_cell.angle_beta   90.00
_cell.angle_gamma   120.00
#
_symmetry.space_group_name_H-M   'H 3 2'
#
loop_
_entity.id
_entity.type
_entity.pdbx_description
1 polymer 'Acyl-[acyl-carrier-protein] dehydrogenase MbtN'
2 non-polymer 3,6,9,12,15,18-HEXAOXAICOSANE-1,20-DIOL
3 non-polymer 'DIHYDROFLAVINE-ADENINE DINUCLEOTIDE'
4 non-polymer 'HEXAETHYLENE GLYCOL'
5 water water
#
_entity_poly.entity_id   1
_entity_poly.type   'polypeptide(L)'
_entity_poly.pdbx_seq_one_letter_code
;GAMGTAGSDLDDFRGLLAKAFDERVVAWTAEAEAQERFPRQLIEHLGVCGVFDAKWATDARPDVGKLVELAFALGQLASA
GIGVGVSLHDSAIAILRRFGKSDYLRDICDQAIRGAAVLCIGASEESGGSDLQIVETEIRSRDGGFEVRGVKKFVSLSPI
ADHIMVVARSVDHDPTSRHGNVAVVAVPAAQVSVQTPYRKVGAGPLDTAAVCIDTWVPADALVARAGTGLAAISWGLAHE
RMSIAGQIAASCQRAIGITLARMMSRRQFGQTLFEHQALRLRMADLQARVDLLRYALHGIAEQGRLELRTAAAVKVTAAR
LGEEVISECMHIFGGAGYLVDETTLGKWWRDMKLARVGGGTDEVLWELVAAGMTPDHDGYAAVVGASKA
;
_entity_poly.pdbx_strand_id   A,B
#
loop_
_chem_comp.id
_chem_comp.type
_chem_comp.name
_chem_comp.formula
FDA non-polymer 'DIHYDROFLAVINE-ADENINE DINUCLEOTIDE' 'C27 H35 N9 O15 P2'
P33 non-polymer 3,6,9,12,15,18-HEXAOXAICOSANE-1,20-DIOL 'C14 H30 O8'
P6G non-polymer 'HEXAETHYLENE GLYCOL' 'C12 H26 O7'
#
# COMPACT_ATOMS: atom_id res chain seq x y z
N SER A 8 -28.33 15.42 -23.45
CA SER A 8 -28.18 15.52 -24.90
C SER A 8 -26.88 16.20 -25.32
N ASP A 9 -26.53 17.36 -24.70
CA ASP A 9 -25.23 17.99 -24.93
C ASP A 9 -24.23 17.05 -24.23
N LEU A 10 -24.66 16.45 -23.09
CA LEU A 10 -23.94 15.45 -22.31
C LEU A 10 -23.78 14.15 -23.11
N ASP A 11 -24.84 13.67 -23.80
CA ASP A 11 -24.77 12.48 -24.65
C ASP A 11 -23.74 12.65 -25.77
N ASP A 12 -23.64 13.89 -26.30
CA ASP A 12 -22.67 14.29 -27.33
C ASP A 12 -21.26 14.35 -26.70
N PHE A 13 -21.15 14.87 -25.46
CA PHE A 13 -19.89 14.91 -24.72
C PHE A 13 -19.38 13.48 -24.47
N ARG A 14 -20.27 12.57 -24.05
CA ARG A 14 -19.91 11.15 -23.86
C ARG A 14 -19.40 10.52 -25.18
N GLY A 15 -20.10 10.82 -26.28
CA GLY A 15 -19.77 10.37 -27.63
C GLY A 15 -18.40 10.88 -28.03
N LEU A 16 -18.11 12.16 -27.68
CA LEU A 16 -16.80 12.78 -27.91
C LEU A 16 -15.68 12.07 -27.09
N LEU A 17 -15.94 11.81 -25.80
CA LEU A 17 -15.00 11.11 -24.90
C LEU A 17 -14.69 9.71 -25.44
N ALA A 18 -15.71 8.99 -25.92
CA ALA A 18 -15.57 7.64 -26.49
C ALA A 18 -14.64 7.60 -27.74
N LYS A 19 -14.63 8.71 -28.51
CA LYS A 19 -13.83 8.89 -29.72
C LYS A 19 -12.39 9.28 -29.34
N ALA A 20 -12.22 10.18 -28.35
CA ALA A 20 -10.91 10.64 -27.91
C ALA A 20 -10.15 9.61 -27.09
N PHE A 21 -10.85 8.89 -26.19
CA PHE A 21 -10.25 7.84 -25.34
C PHE A 21 -10.21 6.52 -26.10
N ASP A 22 -9.30 6.44 -27.08
N ASP A 22 -9.30 6.44 -27.08
CA ASP A 22 -9.11 5.28 -27.96
CA ASP A 22 -9.11 5.29 -27.96
C ASP A 22 -7.89 4.43 -27.56
C ASP A 22 -7.89 4.44 -27.56
N GLU A 23 -7.57 3.41 -28.37
CA GLU A 23 -6.44 2.47 -28.17
C GLU A 23 -5.06 3.17 -28.06
N ARG A 24 -4.84 4.31 -28.73
CA ARG A 24 -3.57 5.02 -28.65
C ARG A 24 -3.41 5.75 -27.31
N VAL A 25 -4.54 6.13 -26.67
CA VAL A 25 -4.56 6.77 -25.36
C VAL A 25 -4.23 5.70 -24.33
N VAL A 26 -4.80 4.48 -24.51
CA VAL A 26 -4.52 3.30 -23.68
C VAL A 26 -3.01 2.95 -23.82
N ALA A 27 -2.48 3.01 -25.08
CA ALA A 27 -1.06 2.76 -25.38
C ALA A 27 -0.16 3.84 -24.78
N TRP A 28 -0.60 5.12 -24.80
CA TRP A 28 0.18 6.22 -24.24
C TRP A 28 0.28 6.07 -22.72
N THR A 29 -0.80 5.56 -22.10
CA THR A 29 -0.92 5.34 -20.67
C THR A 29 0.05 4.26 -20.23
N ALA A 30 0.07 3.12 -20.94
CA ALA A 30 0.91 1.96 -20.68
C ALA A 30 2.39 2.32 -20.77
N GLU A 31 2.76 3.14 -21.77
CA GLU A 31 4.12 3.60 -21.99
C GLU A 31 4.52 4.60 -20.94
N ALA A 32 3.57 5.48 -20.53
CA ALA A 32 3.80 6.47 -19.48
C ALA A 32 4.10 5.78 -18.16
N GLU A 33 3.39 4.67 -17.85
CA GLU A 33 3.62 3.87 -16.65
C GLU A 33 5.02 3.27 -16.62
N ALA A 34 5.46 2.70 -17.77
CA ALA A 34 6.79 2.10 -17.96
C ALA A 34 7.91 3.13 -17.83
N GLN A 35 7.70 4.34 -18.36
CA GLN A 35 8.67 5.43 -18.37
C GLN A 35 8.64 6.33 -17.14
N GLU A 36 7.52 6.30 -16.39
CA GLU A 36 7.28 7.12 -15.21
C GLU A 36 7.35 8.61 -15.55
N ARG A 37 6.67 8.98 -16.66
CA ARG A 37 6.58 10.37 -17.15
C ARG A 37 5.28 10.63 -17.87
N PHE A 38 4.73 11.84 -17.66
CA PHE A 38 3.50 12.25 -18.29
C PHE A 38 3.68 12.48 -19.81
N PRO A 39 2.85 11.80 -20.63
CA PRO A 39 2.91 12.01 -22.09
C PRO A 39 2.20 13.31 -22.47
N ARG A 40 2.97 14.36 -22.78
CA ARG A 40 2.42 15.66 -23.21
C ARG A 40 1.40 15.53 -24.37
N GLN A 41 1.65 14.58 -25.29
CA GLN A 41 0.79 14.29 -26.44
C GLN A 41 -0.66 13.97 -26.06
N LEU A 42 -0.92 13.46 -24.82
CA LEU A 42 -2.28 13.17 -24.36
C LEU A 42 -3.08 14.46 -24.23
N ILE A 43 -2.53 15.49 -23.55
CA ILE A 43 -3.20 16.80 -23.36
C ILE A 43 -3.44 17.45 -24.75
N GLU A 44 -2.42 17.39 -25.64
CA GLU A 44 -2.47 17.92 -27.01
C GLU A 44 -3.56 17.20 -27.79
N HIS A 45 -3.63 15.85 -27.69
CA HIS A 45 -4.65 15.02 -28.32
C HIS A 45 -6.03 15.36 -27.80
N LEU A 46 -6.20 15.49 -26.45
CA LEU A 46 -7.50 15.82 -25.86
C LEU A 46 -7.95 17.21 -26.29
N GLY A 47 -6.98 18.12 -26.41
CA GLY A 47 -7.20 19.48 -26.88
C GLY A 47 -7.66 19.48 -28.33
N VAL A 48 -6.86 18.86 -29.19
CA VAL A 48 -7.13 18.71 -30.63
C VAL A 48 -8.50 18.06 -30.88
N CYS A 49 -8.88 17.05 -30.07
CA CYS A 49 -10.16 16.35 -30.17
C CYS A 49 -11.35 17.22 -29.81
N GLY A 50 -11.11 18.36 -29.14
CA GLY A 50 -12.13 19.30 -28.68
C GLY A 50 -12.74 18.94 -27.34
N VAL A 51 -12.08 18.05 -26.56
CA VAL A 51 -12.52 17.59 -25.22
C VAL A 51 -12.63 18.76 -24.24
N PHE A 52 -11.58 19.57 -24.08
CA PHE A 52 -11.67 20.71 -23.15
C PHE A 52 -12.61 21.76 -23.68
N ASP A 53 -12.61 21.96 -25.02
CA ASP A 53 -13.50 22.94 -25.65
C ASP A 53 -14.98 22.59 -25.47
N ALA A 54 -15.34 21.32 -25.70
CA ALA A 54 -16.72 20.88 -25.52
C ALA A 54 -17.12 20.97 -24.04
N LYS A 55 -16.16 20.70 -23.11
CA LYS A 55 -16.43 20.75 -21.69
C LYS A 55 -16.69 22.18 -21.24
N TRP A 56 -15.83 23.12 -21.68
CA TRP A 56 -15.91 24.51 -21.25
C TRP A 56 -16.88 25.39 -22.02
N ALA A 57 -17.07 25.08 -23.33
CA ALA A 57 -17.91 25.86 -24.25
C ALA A 57 -17.56 27.35 -24.07
N THR A 58 -18.55 28.20 -23.77
CA THR A 58 -18.35 29.65 -23.54
C THR A 58 -18.56 30.04 -22.05
N ASP A 59 -18.73 29.03 -21.18
CA ASP A 59 -18.99 29.18 -19.74
C ASP A 59 -17.74 29.56 -18.94
N ALA A 60 -17.90 30.49 -18.00
CA ALA A 60 -16.83 30.90 -17.09
C ALA A 60 -16.82 29.92 -15.90
N ARG A 61 -17.98 29.29 -15.62
CA ARG A 61 -18.13 28.33 -14.53
C ARG A 61 -18.38 26.93 -15.09
N PRO A 62 -17.81 25.87 -14.45
CA PRO A 62 -17.87 24.54 -15.05
C PRO A 62 -19.23 23.85 -15.03
N ASP A 63 -19.45 23.01 -16.05
CA ASP A 63 -20.59 22.14 -16.16
C ASP A 63 -20.13 20.92 -15.38
N VAL A 64 -20.74 20.69 -14.19
CA VAL A 64 -20.36 19.60 -13.29
C VAL A 64 -20.63 18.24 -13.94
N GLY A 65 -21.70 18.13 -14.72
CA GLY A 65 -22.01 16.89 -15.43
C GLY A 65 -20.91 16.47 -16.39
N LYS A 66 -20.38 17.44 -17.17
CA LYS A 66 -19.31 17.17 -18.13
C LYS A 66 -17.98 16.87 -17.41
N LEU A 67 -17.72 17.64 -16.31
CA LEU A 67 -16.56 17.46 -15.41
C LEU A 67 -16.55 16.02 -14.90
N VAL A 68 -17.70 15.54 -14.44
CA VAL A 68 -17.86 14.19 -13.91
C VAL A 68 -17.68 13.11 -15.00
N GLU A 69 -18.26 13.31 -16.22
CA GLU A 69 -18.10 12.35 -17.32
C GLU A 69 -16.66 12.22 -17.80
N LEU A 70 -15.90 13.33 -17.79
CA LEU A 70 -14.48 13.32 -18.15
C LEU A 70 -13.69 12.57 -17.08
N ALA A 71 -14.05 12.78 -15.79
CA ALA A 71 -13.40 12.11 -14.66
C ALA A 71 -13.56 10.58 -14.77
N PHE A 72 -14.75 10.10 -15.23
CA PHE A 72 -15.00 8.67 -15.41
C PHE A 72 -14.11 8.14 -16.53
N ALA A 73 -14.00 8.87 -17.66
CA ALA A 73 -13.14 8.48 -18.81
C ALA A 73 -11.68 8.31 -18.30
N LEU A 74 -11.17 9.31 -17.55
CA LEU A 74 -9.82 9.28 -16.99
C LEU A 74 -9.65 8.12 -16.00
N GLY A 75 -10.66 7.91 -15.13
CA GLY A 75 -10.70 6.84 -14.15
C GLY A 75 -10.64 5.45 -14.75
N GLN A 76 -11.21 5.26 -15.96
CA GLN A 76 -11.23 4.00 -16.69
C GLN A 76 -9.84 3.52 -17.11
N LEU A 77 -8.91 4.46 -17.29
CA LEU A 77 -7.51 4.16 -17.61
C LEU A 77 -6.72 3.47 -16.47
N ALA A 78 -7.24 3.49 -15.21
CA ALA A 78 -6.67 2.92 -13.97
C ALA A 78 -5.20 3.37 -13.72
N SER A 79 -4.96 4.67 -13.99
CA SER A 79 -3.65 5.30 -13.86
C SER A 79 -3.76 6.66 -13.21
N ALA A 80 -3.43 6.75 -11.92
CA ALA A 80 -3.49 8.00 -11.17
C ALA A 80 -2.69 9.13 -11.84
N GLY A 81 -1.52 8.81 -12.41
CA GLY A 81 -0.65 9.80 -13.03
C GLY A 81 -1.28 10.49 -14.22
N ILE A 82 -1.78 9.67 -15.14
CA ILE A 82 -2.46 10.12 -16.35
C ILE A 82 -3.72 10.93 -16.03
N GLY A 83 -4.60 10.33 -15.24
CA GLY A 83 -5.87 10.93 -14.87
C GLY A 83 -5.71 12.20 -14.08
N VAL A 84 -4.83 12.16 -13.05
CA VAL A 84 -4.58 13.34 -12.22
C VAL A 84 -3.94 14.46 -13.04
N GLY A 85 -2.98 14.09 -13.89
CA GLY A 85 -2.29 15.01 -14.79
C GLY A 85 -3.26 15.83 -15.64
N VAL A 86 -4.15 15.15 -16.37
CA VAL A 86 -5.18 15.80 -17.19
C VAL A 86 -6.10 16.70 -16.34
N SER A 87 -6.58 16.17 -15.20
CA SER A 87 -7.49 16.90 -14.32
C SER A 87 -6.87 18.15 -13.77
N LEU A 88 -5.56 18.13 -13.49
CA LEU A 88 -4.85 19.30 -12.97
C LEU A 88 -4.79 20.41 -14.02
N HIS A 89 -4.52 20.03 -15.28
CA HIS A 89 -4.46 20.95 -16.41
C HIS A 89 -5.82 21.66 -16.53
N ASP A 90 -6.89 20.83 -16.50
CA ASP A 90 -8.27 21.28 -16.59
C ASP A 90 -8.72 22.14 -15.39
N SER A 91 -8.17 21.90 -14.20
CA SER A 91 -8.51 22.69 -13.01
C SER A 91 -7.86 24.08 -13.06
N ALA A 92 -6.65 24.17 -13.69
CA ALA A 92 -5.92 25.41 -13.90
C ALA A 92 -6.72 26.23 -14.90
N ILE A 93 -7.28 25.57 -15.95
CA ILE A 93 -8.21 26.19 -16.91
C ILE A 93 -9.38 26.79 -16.16
N ALA A 94 -9.98 26.04 -15.16
CA ALA A 94 -11.11 26.52 -14.36
C ALA A 94 -10.79 27.82 -13.63
N ILE A 95 -9.54 27.93 -13.08
CA ILE A 95 -9.09 29.12 -12.36
C ILE A 95 -9.04 30.27 -13.36
N LEU A 96 -8.38 30.05 -14.53
CA LEU A 96 -8.27 31.11 -15.57
C LEU A 96 -9.64 31.59 -16.11
N ARG A 97 -10.57 30.66 -16.38
CA ARG A 97 -11.91 30.96 -16.86
C ARG A 97 -12.68 31.86 -15.94
N ARG A 98 -12.55 31.65 -14.64
CA ARG A 98 -13.29 32.47 -13.69
C ARG A 98 -12.53 33.71 -13.19
N PHE A 99 -11.19 33.63 -13.09
CA PHE A 99 -10.41 34.70 -12.46
C PHE A 99 -9.44 35.47 -13.40
N GLY A 100 -9.04 34.87 -14.51
CA GLY A 100 -8.15 35.51 -15.49
C GLY A 100 -8.85 36.62 -16.28
N LYS A 101 -8.56 37.89 -15.94
CA LYS A 101 -9.22 39.06 -16.56
C LYS A 101 -8.46 39.65 -17.78
N SER A 102 -7.13 39.68 -17.72
CA SER A 102 -6.28 40.22 -18.80
C SER A 102 -6.38 39.39 -20.09
N ASP A 103 -6.11 40.04 -21.25
CA ASP A 103 -6.08 39.37 -22.56
C ASP A 103 -4.98 38.32 -22.62
N TYR A 104 -3.86 38.58 -21.92
CA TYR A 104 -2.73 37.68 -21.78
C TYR A 104 -3.21 36.33 -21.17
N LEU A 105 -3.99 36.41 -20.07
CA LEU A 105 -4.52 35.22 -19.36
C LEU A 105 -5.59 34.48 -20.17
N ARG A 106 -6.53 35.21 -20.80
CA ARG A 106 -7.55 34.62 -21.68
C ARG A 106 -6.89 33.90 -22.87
N ASP A 107 -5.74 34.41 -23.36
CA ASP A 107 -5.04 33.76 -24.45
C ASP A 107 -4.33 32.48 -23.98
N ILE A 108 -3.64 32.52 -22.81
CA ILE A 108 -3.00 31.29 -22.30
C ILE A 108 -4.10 30.24 -21.97
N CYS A 109 -5.26 30.69 -21.42
CA CYS A 109 -6.44 29.85 -21.18
C CYS A 109 -6.94 29.17 -22.49
N ASP A 110 -7.05 29.93 -23.62
CA ASP A 110 -7.46 29.40 -24.93
C ASP A 110 -6.44 28.40 -25.46
N GLN A 111 -5.15 28.69 -25.27
CA GLN A 111 -4.04 27.80 -25.64
C GLN A 111 -4.16 26.46 -24.87
N ALA A 112 -4.49 26.54 -23.57
CA ALA A 112 -4.70 25.40 -22.68
C ALA A 112 -5.90 24.56 -23.11
N ILE A 113 -7.04 25.19 -23.49
CA ILE A 113 -8.22 24.48 -23.99
C ILE A 113 -7.91 23.75 -25.31
N ARG A 114 -7.04 24.34 -26.16
CA ARG A 114 -6.59 23.75 -27.44
C ARG A 114 -5.58 22.61 -27.23
N GLY A 115 -4.90 22.61 -26.08
CA GLY A 115 -3.84 21.66 -25.78
C GLY A 115 -2.52 22.12 -26.34
N ALA A 116 -2.37 23.44 -26.58
CA ALA A 116 -1.16 24.10 -27.09
C ALA A 116 -0.25 24.49 -25.93
N ALA A 117 -0.84 24.72 -24.74
CA ALA A 117 -0.10 25.07 -23.52
C ALA A 117 -0.55 24.13 -22.39
N VAL A 118 0.40 23.55 -21.65
CA VAL A 118 0.12 22.70 -20.52
C VAL A 118 0.19 23.58 -19.28
N LEU A 119 -0.88 23.58 -18.47
CA LEU A 119 -0.88 24.35 -17.22
C LEU A 119 -0.72 23.40 -16.01
N CYS A 120 -0.27 23.95 -14.88
CA CYS A 120 -0.08 23.22 -13.64
C CYS A 120 -0.24 24.17 -12.47
N ILE A 121 -0.38 23.59 -11.25
CA ILE A 121 -0.64 24.33 -10.01
C ILE A 121 0.60 24.36 -9.14
N GLY A 122 0.93 25.55 -8.66
CA GLY A 122 2.05 25.77 -7.75
C GLY A 122 1.52 26.36 -6.46
N ALA A 123 0.95 25.52 -5.60
CA ALA A 123 0.36 25.96 -4.34
C ALA A 123 1.18 25.51 -3.12
N SER A 124 1.38 24.19 -2.96
CA SER A 124 2.08 23.58 -1.83
C SER A 124 3.57 23.89 -1.72
N GLU A 125 4.00 24.04 -0.48
CA GLU A 125 5.38 24.30 -0.09
C GLU A 125 5.80 23.36 1.02
N GLU A 126 7.12 23.36 1.33
CA GLU A 126 7.78 22.58 2.38
C GLU A 126 7.14 22.84 3.75
N SER A 127 6.91 24.11 4.11
CA SER A 127 6.30 24.51 5.38
C SER A 127 4.78 24.51 5.30
N GLY A 128 4.24 25.27 4.34
CA GLY A 128 2.79 25.38 4.13
C GLY A 128 2.26 24.44 3.06
N GLY A 129 1.98 23.19 3.45
CA GLY A 129 1.41 22.19 2.55
C GLY A 129 -0.10 22.25 2.52
N SER A 130 -0.74 21.98 3.68
CA SER A 130 -2.19 22.01 3.86
C SER A 130 -2.68 23.46 4.11
N ASP A 131 -1.89 24.24 4.86
CA ASP A 131 -2.17 25.63 5.22
C ASP A 131 -1.52 26.52 4.16
N LEU A 132 -2.32 26.99 3.19
CA LEU A 132 -1.82 27.84 2.11
C LEU A 132 -1.70 29.32 2.53
N GLN A 133 -2.27 29.70 3.70
CA GLN A 133 -2.18 31.04 4.29
C GLN A 133 -0.74 31.36 4.72
N ILE A 134 0.03 30.32 5.14
CA ILE A 134 1.42 30.46 5.58
C ILE A 134 2.42 30.25 4.42
N VAL A 135 2.04 30.70 3.21
CA VAL A 135 2.86 30.61 1.99
C VAL A 135 4.08 31.58 2.10
N GLU A 136 5.28 31.06 1.80
CA GLU A 136 6.54 31.80 1.84
C GLU A 136 6.85 32.50 0.49
N THR A 137 6.31 31.97 -0.64
CA THR A 137 6.45 32.53 -1.97
C THR A 137 5.87 33.93 -1.95
N GLU A 138 6.69 34.90 -2.36
CA GLU A 138 6.33 36.32 -2.35
C GLU A 138 6.10 36.92 -3.72
N ILE A 139 5.15 37.87 -3.78
CA ILE A 139 4.82 38.66 -4.97
C ILE A 139 4.95 40.18 -4.64
N ARG A 140 5.82 40.88 -5.39
CA ARG A 140 6.06 42.32 -5.19
C ARG A 140 5.99 43.12 -6.50
N SER A 141 5.24 44.24 -6.47
CA SER A 141 5.09 45.17 -7.58
C SER A 141 6.40 45.95 -7.79
N ARG A 142 6.98 45.79 -9.01
CA ARG A 142 8.22 46.42 -9.43
C ARG A 142 8.22 46.59 -10.96
N ASP A 143 8.44 47.84 -11.42
CA ASP A 143 8.51 48.28 -12.82
C ASP A 143 7.26 47.93 -13.64
N GLY A 144 6.08 48.21 -13.07
CA GLY A 144 4.80 47.95 -13.70
C GLY A 144 4.45 46.49 -13.85
N GLY A 145 5.24 45.62 -13.22
CA GLY A 145 5.06 44.17 -13.20
C GLY A 145 5.15 43.61 -11.81
N PHE A 146 5.53 42.32 -11.71
CA PHE A 146 5.68 41.61 -10.44
C PHE A 146 6.96 40.83 -10.33
N GLU A 147 7.51 40.81 -9.14
CA GLU A 147 8.71 40.05 -8.82
C GLU A 147 8.18 38.86 -8.00
N VAL A 148 8.43 37.65 -8.46
CA VAL A 148 7.95 36.47 -7.74
C VAL A 148 9.14 35.60 -7.36
N ARG A 149 9.25 35.35 -6.06
CA ARG A 149 10.34 34.59 -5.46
C ARG A 149 9.80 33.58 -4.45
N GLY A 150 10.23 32.34 -4.63
CA GLY A 150 9.83 31.25 -3.75
C GLY A 150 10.17 29.89 -4.28
N VAL A 151 9.82 28.86 -3.50
CA VAL A 151 10.02 27.45 -3.84
C VAL A 151 8.70 26.71 -3.63
N LYS A 152 8.27 25.94 -4.62
CA LYS A 152 7.05 25.14 -4.51
C LYS A 152 7.48 23.70 -4.45
N LYS A 153 6.98 22.96 -3.45
CA LYS A 153 7.41 21.58 -3.23
C LYS A 153 6.85 20.57 -4.20
N PHE A 154 5.53 20.51 -4.34
CA PHE A 154 4.93 19.45 -5.17
C PHE A 154 4.27 20.05 -6.36
N VAL A 155 4.97 20.15 -7.49
CA VAL A 155 4.35 20.74 -8.68
C VAL A 155 4.24 19.63 -9.69
N SER A 156 3.03 19.06 -9.84
CA SER A 156 2.82 17.99 -10.82
C SER A 156 2.75 18.59 -12.22
N LEU A 157 3.28 17.85 -13.19
CA LEU A 157 3.41 18.26 -14.59
C LEU A 157 4.49 19.36 -14.85
N SER A 158 5.12 19.93 -13.79
CA SER A 158 6.17 20.97 -13.92
C SER A 158 7.25 20.64 -14.96
N PRO A 159 7.76 19.38 -15.12
CA PRO A 159 8.74 19.11 -16.20
C PRO A 159 8.23 19.35 -17.64
N ILE A 160 6.88 19.36 -17.85
CA ILE A 160 6.30 19.56 -19.19
C ILE A 160 5.39 20.80 -19.29
N ALA A 161 5.08 21.45 -18.16
CA ALA A 161 4.19 22.61 -18.15
C ALA A 161 4.76 23.83 -18.89
N ASP A 162 3.87 24.73 -19.35
CA ASP A 162 4.23 25.94 -20.07
C ASP A 162 4.00 27.09 -19.14
N HIS A 163 3.01 26.97 -18.26
CA HIS A 163 2.69 27.99 -17.24
C HIS A 163 2.31 27.31 -15.92
N ILE A 164 2.66 27.96 -14.81
CA ILE A 164 2.41 27.51 -13.44
C ILE A 164 1.55 28.55 -12.75
N MET A 165 0.44 28.10 -12.13
CA MET A 165 -0.48 28.95 -11.38
C MET A 165 0.12 29.01 -9.98
N VAL A 166 0.86 30.08 -9.69
CA VAL A 166 1.59 30.23 -8.43
C VAL A 166 0.81 30.99 -7.36
N VAL A 167 0.62 30.34 -6.20
CA VAL A 167 -0.02 30.93 -5.02
C VAL A 167 1.08 31.71 -4.29
N ALA A 168 0.89 33.02 -4.11
CA ALA A 168 1.91 33.86 -3.50
C ALA A 168 1.32 34.83 -2.49
N ARG A 169 2.18 35.32 -1.59
CA ARG A 169 1.81 36.27 -0.55
C ARG A 169 2.37 37.64 -1.00
N SER A 170 1.50 38.66 -1.13
CA SER A 170 1.96 39.99 -1.57
C SER A 170 2.70 40.76 -0.48
N VAL A 171 3.89 41.26 -0.81
CA VAL A 171 4.71 42.05 0.12
C VAL A 171 4.07 43.45 0.28
N ASP A 172 3.53 44.00 -0.83
CA ASP A 172 2.88 45.31 -0.90
C ASP A 172 1.53 45.43 -0.19
N HIS A 173 0.98 44.32 0.35
CA HIS A 173 -0.33 44.35 1.03
C HIS A 173 -0.26 43.83 2.47
N GLY A 180 -7.56 38.66 2.99
CA GLY A 180 -6.19 38.44 3.41
C GLY A 180 -5.13 39.12 2.56
N ASN A 181 -4.04 38.38 2.25
CA ASN A 181 -2.88 38.84 1.50
C ASN A 181 -2.44 37.88 0.34
N VAL A 182 -3.16 36.75 0.17
CA VAL A 182 -2.80 35.74 -0.86
C VAL A 182 -3.25 36.18 -2.26
N ALA A 183 -2.38 35.94 -3.25
CA ALA A 183 -2.58 36.22 -4.68
C ALA A 183 -2.22 34.98 -5.51
N VAL A 184 -2.70 34.94 -6.76
CA VAL A 184 -2.33 33.88 -7.71
C VAL A 184 -1.73 34.60 -8.93
N VAL A 185 -0.57 34.13 -9.40
CA VAL A 185 0.14 34.71 -10.52
C VAL A 185 0.57 33.60 -11.50
N ALA A 186 0.38 33.83 -12.80
CA ALA A 186 0.78 32.86 -13.81
C ALA A 186 2.25 33.13 -14.20
N VAL A 187 3.11 32.12 -14.11
CA VAL A 187 4.52 32.25 -14.42
C VAL A 187 4.89 31.30 -15.56
N PRO A 188 5.53 31.78 -16.66
CA PRO A 188 5.96 30.86 -17.74
C PRO A 188 7.09 29.92 -17.28
N ALA A 189 7.12 28.69 -17.83
CA ALA A 189 8.07 27.61 -17.53
C ALA A 189 9.55 28.01 -17.70
N ALA A 190 9.83 28.82 -18.74
CA ALA A 190 11.16 29.33 -19.06
C ALA A 190 11.71 30.24 -17.96
N GLN A 191 10.81 30.83 -17.14
CA GLN A 191 11.16 31.73 -16.05
C GLN A 191 11.25 31.06 -14.66
N VAL A 192 11.22 29.69 -14.61
CA VAL A 192 11.31 28.90 -13.36
C VAL A 192 12.38 27.81 -13.48
N SER A 193 12.86 27.35 -12.31
CA SER A 193 13.83 26.29 -12.24
C SER A 193 13.16 25.02 -11.71
N VAL A 194 12.93 24.06 -12.61
CA VAL A 194 12.27 22.80 -12.28
C VAL A 194 13.32 21.82 -11.82
N GLN A 195 13.14 21.32 -10.59
CA GLN A 195 14.05 20.35 -10.00
C GLN A 195 13.85 18.95 -10.58
N THR A 196 14.75 18.01 -10.26
CA THR A 196 14.63 16.62 -10.75
C THR A 196 13.33 16.01 -10.16
N PRO A 197 12.47 15.33 -10.96
CA PRO A 197 11.24 14.76 -10.39
C PRO A 197 11.50 13.74 -9.29
N TYR A 198 10.63 13.77 -8.27
CA TYR A 198 10.70 12.88 -7.11
C TYR A 198 10.43 11.45 -7.49
N ARG A 199 11.07 10.54 -6.75
CA ARG A 199 10.81 9.10 -6.79
C ARG A 199 9.66 9.02 -5.76
N LYS A 200 8.52 8.52 -6.20
CA LYS A 200 7.33 8.48 -5.33
C LYS A 200 6.87 7.07 -5.06
N VAL A 201 5.99 6.91 -4.05
CA VAL A 201 5.42 5.60 -3.70
C VAL A 201 4.65 4.98 -4.90
N GLY A 202 3.89 5.80 -5.60
CA GLY A 202 3.12 5.43 -6.77
C GLY A 202 2.92 6.63 -7.67
N ALA A 203 1.90 6.55 -8.57
CA ALA A 203 1.54 7.59 -9.54
C ALA A 203 2.78 8.00 -10.34
N GLY A 204 3.46 6.98 -10.88
CA GLY A 204 4.68 7.08 -11.69
C GLY A 204 4.65 8.20 -12.73
N PRO A 205 3.66 8.18 -13.68
CA PRO A 205 3.61 9.25 -14.69
C PRO A 205 3.18 10.61 -14.18
N LEU A 206 2.92 10.78 -12.88
CA LEU A 206 2.58 12.10 -12.36
C LEU A 206 3.90 12.77 -11.99
N ASP A 207 4.59 13.34 -13.00
CA ASP A 207 5.89 14.01 -12.88
C ASP A 207 5.75 15.15 -11.87
N THR A 208 6.22 14.93 -10.66
CA THR A 208 6.09 15.91 -9.60
C THR A 208 7.50 16.33 -9.21
N ALA A 209 7.72 17.66 -9.11
CA ALA A 209 9.02 18.19 -8.74
C ALA A 209 8.89 19.49 -8.00
N ALA A 210 9.96 19.87 -7.26
CA ALA A 210 10.05 21.18 -6.60
C ALA A 210 10.34 22.22 -7.71
N VAL A 211 9.85 23.44 -7.54
CA VAL A 211 10.04 24.50 -8.51
C VAL A 211 10.58 25.72 -7.77
N CYS A 212 11.79 26.17 -8.17
CA CYS A 212 12.44 27.35 -7.59
C CYS A 212 12.19 28.52 -8.52
N ILE A 213 11.57 29.58 -7.98
CA ILE A 213 11.20 30.78 -8.73
C ILE A 213 11.96 31.98 -8.22
N ASP A 214 12.56 32.73 -9.14
CA ASP A 214 13.30 33.98 -8.90
C ASP A 214 13.26 34.70 -10.24
N THR A 215 12.11 35.35 -10.52
CA THR A 215 11.87 36.02 -11.80
C THR A 215 10.95 37.24 -11.66
N TRP A 216 10.65 37.87 -12.81
CA TRP A 216 9.76 39.03 -12.95
C TRP A 216 8.71 38.67 -13.99
N VAL A 217 7.47 39.12 -13.80
CA VAL A 217 6.38 38.86 -14.75
C VAL A 217 5.61 40.14 -15.03
N PRO A 218 5.00 40.32 -16.24
CA PRO A 218 4.15 41.51 -16.46
C PRO A 218 2.93 41.56 -15.51
N ALA A 219 2.30 42.75 -15.34
CA ALA A 219 1.13 42.96 -14.48
C ALA A 219 -0.07 42.11 -14.93
N ASP A 220 -0.09 41.78 -16.23
CA ASP A 220 -1.09 41.00 -16.96
C ASP A 220 -1.14 39.54 -16.50
N ALA A 221 -0.03 39.05 -15.92
CA ALA A 221 0.13 37.69 -15.41
C ALA A 221 -0.56 37.47 -14.05
N LEU A 222 -1.12 38.54 -13.45
CA LEU A 222 -1.82 38.44 -12.18
C LEU A 222 -3.20 37.78 -12.37
N VAL A 223 -3.35 36.54 -11.89
CA VAL A 223 -4.61 35.78 -12.00
C VAL A 223 -5.60 36.26 -10.94
N ALA A 224 -5.17 36.36 -9.70
CA ALA A 224 -6.04 36.83 -8.61
C ALA A 224 -5.25 37.75 -7.73
N ARG A 225 -5.77 38.98 -7.53
CA ARG A 225 -5.13 40.02 -6.73
C ARG A 225 -5.04 39.63 -5.26
N ALA A 226 -4.13 40.28 -4.51
CA ALA A 226 -3.95 40.06 -3.07
C ALA A 226 -5.29 40.17 -2.34
N GLY A 227 -5.63 39.14 -1.57
CA GLY A 227 -6.90 39.06 -0.85
C GLY A 227 -7.97 38.26 -1.59
N THR A 228 -7.61 37.69 -2.75
CA THR A 228 -8.54 36.88 -3.57
C THR A 228 -7.90 35.55 -4.03
N GLY A 229 -6.57 35.42 -3.86
CA GLY A 229 -5.79 34.24 -4.21
C GLY A 229 -6.30 32.92 -3.64
N LEU A 230 -6.72 32.90 -2.36
CA LEU A 230 -7.28 31.70 -1.72
C LEU A 230 -8.61 31.30 -2.34
N ALA A 231 -9.49 32.28 -2.68
CA ALA A 231 -10.76 31.97 -3.36
C ALA A 231 -10.48 31.35 -4.74
N ALA A 232 -9.45 31.83 -5.46
CA ALA A 232 -9.08 31.34 -6.79
C ALA A 232 -8.51 29.93 -6.74
N ILE A 233 -7.62 29.66 -5.76
CA ILE A 233 -7.03 28.33 -5.61
C ILE A 233 -8.11 27.34 -5.07
N SER A 234 -8.97 27.78 -4.16
CA SER A 234 -10.06 26.97 -3.66
C SER A 234 -11.03 26.54 -4.78
N TRP A 235 -11.26 27.44 -5.78
CA TRP A 235 -12.13 27.16 -6.91
C TRP A 235 -11.57 26.04 -7.78
N GLY A 236 -10.28 26.13 -8.05
CA GLY A 236 -9.55 25.13 -8.82
C GLY A 236 -9.47 23.81 -8.08
N LEU A 237 -9.27 23.86 -6.75
CA LEU A 237 -9.17 22.67 -5.90
C LEU A 237 -10.51 21.98 -5.78
N ALA A 238 -11.63 22.75 -5.72
CA ALA A 238 -12.98 22.19 -5.75
C ALA A 238 -13.23 21.45 -7.08
N HIS A 239 -12.84 22.06 -8.21
CA HIS A 239 -12.92 21.48 -9.56
C HIS A 239 -12.09 20.19 -9.58
N GLU A 240 -10.86 20.22 -9.02
CA GLU A 240 -9.95 19.07 -8.96
C GLU A 240 -10.53 17.89 -8.09
N ARG A 241 -11.04 18.23 -6.89
CA ARG A 241 -11.65 17.30 -5.92
C ARG A 241 -12.84 16.54 -6.54
N MET A 242 -13.73 17.25 -7.30
CA MET A 242 -14.85 16.62 -8.00
C MET A 242 -14.33 15.60 -9.02
N SER A 243 -13.26 15.97 -9.74
CA SER A 243 -12.64 15.08 -10.72
C SER A 243 -12.00 13.86 -10.03
N ILE A 244 -11.22 14.08 -8.95
CA ILE A 244 -10.58 12.97 -8.21
C ILE A 244 -11.66 11.95 -7.79
N ALA A 245 -12.81 12.44 -7.26
CA ALA A 245 -13.92 11.58 -6.82
C ALA A 245 -14.49 10.73 -7.96
N GLY A 246 -14.69 11.35 -9.13
CA GLY A 246 -15.12 10.69 -10.36
C GLY A 246 -14.11 9.66 -10.83
N GLN A 247 -12.80 10.02 -10.79
CA GLN A 247 -11.71 9.10 -11.19
C GLN A 247 -11.64 7.89 -10.30
N ILE A 248 -11.77 8.10 -8.96
CA ILE A 248 -11.82 7.03 -7.96
C ILE A 248 -12.99 6.08 -8.23
N ALA A 249 -14.21 6.63 -8.45
CA ALA A 249 -15.42 5.83 -8.77
C ALA A 249 -15.20 4.95 -9.97
N ALA A 250 -14.64 5.51 -11.06
CA ALA A 250 -14.39 4.72 -12.28
C ALA A 250 -13.27 3.69 -12.11
N SER A 251 -12.13 4.06 -11.50
CA SER A 251 -11.01 3.14 -11.29
C SER A 251 -11.41 2.01 -10.32
N CYS A 252 -12.24 2.32 -9.29
CA CYS A 252 -12.73 1.29 -8.35
C CYS A 252 -13.62 0.30 -9.05
N GLN A 253 -14.47 0.78 -9.98
CA GLN A 253 -15.34 -0.10 -10.76
C GLN A 253 -14.49 -1.02 -11.63
N ARG A 254 -13.49 -0.46 -12.31
CA ARG A 254 -12.55 -1.25 -13.10
C ARG A 254 -11.87 -2.35 -12.25
N ALA A 255 -11.36 -1.98 -11.05
CA ALA A 255 -10.70 -2.93 -10.14
C ALA A 255 -11.63 -4.03 -9.66
N ILE A 256 -12.90 -3.68 -9.30
CA ILE A 256 -13.91 -4.67 -8.90
C ILE A 256 -14.15 -5.69 -10.04
N GLY A 257 -14.34 -5.22 -11.27
CA GLY A 257 -14.58 -6.05 -12.45
C GLY A 257 -13.44 -7.00 -12.76
N ILE A 258 -12.18 -6.51 -12.68
CA ILE A 258 -10.98 -7.37 -12.89
C ILE A 258 -10.91 -8.47 -11.79
N THR A 259 -11.14 -8.06 -10.53
CA THR A 259 -11.10 -8.89 -9.32
C THR A 259 -12.13 -9.96 -9.39
N LEU A 260 -13.33 -9.63 -9.91
CA LEU A 260 -14.40 -10.58 -10.12
C LEU A 260 -14.01 -11.63 -11.19
N ALA A 261 -13.36 -11.21 -12.28
CA ALA A 261 -12.86 -12.13 -13.32
C ALA A 261 -11.86 -13.13 -12.71
N ARG A 262 -10.93 -12.63 -11.85
CA ARG A 262 -9.99 -13.48 -11.12
C ARG A 262 -10.75 -14.46 -10.22
N MET A 263 -11.73 -13.96 -9.47
CA MET A 263 -12.53 -14.75 -8.51
C MET A 263 -13.32 -15.85 -9.16
N MET A 264 -13.83 -15.60 -10.36
CA MET A 264 -14.60 -16.59 -11.08
C MET A 264 -13.73 -17.66 -11.80
N SER A 265 -12.41 -17.42 -11.98
CA SER A 265 -11.49 -18.41 -12.60
C SER A 265 -10.60 -19.16 -11.56
N ARG A 266 -10.19 -18.47 -10.46
CA ARG A 266 -9.35 -19.06 -9.43
C ARG A 266 -10.13 -20.03 -8.54
N ARG A 267 -9.67 -21.28 -8.46
CA ARG A 267 -10.32 -22.29 -7.65
C ARG A 267 -9.43 -22.66 -6.44
N GLN A 268 -10.03 -22.72 -5.24
CA GLN A 268 -9.33 -23.07 -3.99
C GLN A 268 -10.29 -23.74 -3.05
N PHE A 269 -9.87 -24.87 -2.44
CA PHE A 269 -10.68 -25.71 -1.55
C PHE A 269 -11.97 -26.21 -2.27
N GLY A 270 -11.82 -26.63 -3.54
CA GLY A 270 -12.87 -27.20 -4.38
C GLY A 270 -13.85 -26.23 -5.02
N GLN A 271 -13.76 -24.95 -4.68
CA GLN A 271 -14.67 -23.92 -5.21
C GLN A 271 -13.93 -22.74 -5.77
N THR A 272 -14.55 -22.00 -6.73
CA THR A 272 -13.97 -20.76 -7.24
C THR A 272 -13.99 -19.76 -6.06
N LEU A 273 -13.21 -18.67 -6.14
CA LEU A 273 -13.20 -17.67 -5.06
C LEU A 273 -14.56 -16.99 -4.91
N PHE A 274 -15.27 -16.83 -6.02
CA PHE A 274 -16.60 -16.22 -6.06
C PHE A 274 -17.64 -17.08 -5.29
N GLU A 275 -17.41 -18.41 -5.25
CA GLU A 275 -18.26 -19.36 -4.53
C GLU A 275 -17.96 -19.35 -3.04
N HIS A 276 -16.87 -18.65 -2.62
CA HIS A 276 -16.59 -18.52 -1.20
C HIS A 276 -17.35 -17.30 -0.74
N GLN A 277 -18.46 -17.54 -0.03
CA GLN A 277 -19.39 -16.50 0.40
C GLN A 277 -18.73 -15.29 1.10
N ALA A 278 -17.70 -15.53 1.95
CA ALA A 278 -17.02 -14.41 2.62
C ALA A 278 -16.43 -13.42 1.62
N LEU A 279 -15.87 -13.91 0.49
CA LEU A 279 -15.24 -13.03 -0.52
C LEU A 279 -16.31 -12.39 -1.39
N ARG A 280 -17.35 -13.17 -1.77
CA ARG A 280 -18.49 -12.73 -2.57
C ARG A 280 -19.21 -11.57 -1.91
N LEU A 281 -19.59 -11.72 -0.61
CA LEU A 281 -20.34 -10.66 0.10
C LEU A 281 -19.50 -9.43 0.36
N ARG A 282 -18.18 -9.60 0.56
CA ARG A 282 -17.23 -8.50 0.73
C ARG A 282 -17.22 -7.66 -0.54
N MET A 283 -17.18 -8.33 -1.72
CA MET A 283 -17.19 -7.67 -3.04
C MET A 283 -18.51 -6.97 -3.31
N ALA A 284 -19.63 -7.62 -2.94
CA ALA A 284 -20.97 -7.05 -3.08
C ALA A 284 -21.08 -5.78 -2.27
N ASP A 285 -20.55 -5.76 -1.02
CA ASP A 285 -20.51 -4.56 -0.18
C ASP A 285 -19.72 -3.42 -0.84
N LEU A 286 -18.52 -3.70 -1.35
CA LEU A 286 -17.68 -2.72 -2.02
C LEU A 286 -18.34 -2.19 -3.30
N GLN A 287 -18.98 -3.08 -4.08
CA GLN A 287 -19.71 -2.74 -5.29
C GLN A 287 -20.85 -1.80 -4.93
N ALA A 288 -21.69 -2.17 -3.95
CA ALA A 288 -22.80 -1.36 -3.50
C ALA A 288 -22.32 0.06 -3.14
N ARG A 289 -21.20 0.17 -2.40
CA ARG A 289 -20.63 1.45 -1.99
C ARG A 289 -20.02 2.26 -3.13
N VAL A 290 -19.43 1.58 -4.12
CA VAL A 290 -18.86 2.25 -5.28
C VAL A 290 -20.02 2.80 -6.15
N ASP A 291 -21.08 1.98 -6.33
CA ASP A 291 -22.30 2.37 -7.06
C ASP A 291 -22.94 3.60 -6.40
N LEU A 292 -22.99 3.63 -5.06
CA LEU A 292 -23.49 4.75 -4.27
C LEU A 292 -22.71 6.04 -4.55
N LEU A 293 -21.35 5.95 -4.60
CA LEU A 293 -20.49 7.06 -4.95
C LEU A 293 -20.76 7.56 -6.38
N ARG A 294 -20.92 6.64 -7.33
CA ARG A 294 -21.19 7.01 -8.73
C ARG A 294 -22.56 7.73 -8.84
N TYR A 295 -23.62 7.16 -8.21
CA TYR A 295 -24.95 7.76 -8.18
C TYR A 295 -24.89 9.12 -7.50
N ALA A 296 -24.11 9.26 -6.41
CA ALA A 296 -23.98 10.54 -5.71
C ALA A 296 -23.37 11.61 -6.61
N LEU A 297 -22.42 11.23 -7.46
CA LEU A 297 -21.76 12.16 -8.40
C LEU A 297 -22.77 12.68 -9.44
N HIS A 298 -23.67 11.78 -9.91
CA HIS A 298 -24.77 12.11 -10.81
C HIS A 298 -25.70 13.10 -10.11
N GLY A 299 -26.07 12.78 -8.85
CA GLY A 299 -26.89 13.60 -7.97
C GLY A 299 -26.31 15.00 -7.77
N ILE A 300 -25.00 15.11 -7.55
CA ILE A 300 -24.28 16.40 -7.38
C ILE A 300 -24.32 17.17 -8.70
N ALA A 301 -24.02 16.49 -9.83
CA ALA A 301 -24.03 17.09 -11.16
C ALA A 301 -25.45 17.66 -11.50
N GLU A 302 -26.51 17.00 -11.04
CA GLU A 302 -27.89 17.40 -11.23
C GLU A 302 -28.17 18.81 -10.68
N GLN A 303 -27.49 19.21 -9.61
CA GLN A 303 -27.60 20.56 -9.03
C GLN A 303 -26.94 21.63 -9.93
N GLY A 304 -26.07 21.19 -10.84
CA GLY A 304 -25.37 22.00 -11.84
C GLY A 304 -24.58 23.17 -11.31
N ARG A 305 -23.93 22.99 -10.17
CA ARG A 305 -23.11 24.06 -9.60
C ARG A 305 -21.94 23.44 -8.89
N LEU A 306 -20.77 24.09 -8.98
CA LEU A 306 -19.58 23.63 -8.29
C LEU A 306 -19.60 24.27 -6.91
N GLU A 307 -19.71 23.45 -5.85
CA GLU A 307 -19.74 23.92 -4.47
C GLU A 307 -18.50 23.39 -3.79
N LEU A 308 -17.78 24.27 -3.07
CA LEU A 308 -16.50 23.94 -2.41
C LEU A 308 -16.64 22.82 -1.35
N ARG A 309 -17.67 22.91 -0.47
CA ARG A 309 -17.92 21.93 0.60
C ARG A 309 -18.38 20.57 0.10
N THR A 310 -19.18 20.55 -0.98
CA THR A 310 -19.69 19.33 -1.61
C THR A 310 -18.52 18.62 -2.27
N ALA A 311 -17.63 19.39 -2.94
CA ALA A 311 -16.45 18.82 -3.60
C ALA A 311 -15.51 18.24 -2.52
N ALA A 312 -15.33 18.94 -1.38
CA ALA A 312 -14.48 18.51 -0.27
C ALA A 312 -15.05 17.20 0.30
N ALA A 313 -16.35 17.20 0.60
CA ALA A 313 -17.08 16.05 1.13
C ALA A 313 -16.99 14.82 0.27
N VAL A 314 -17.24 14.96 -1.04
CA VAL A 314 -17.24 13.80 -1.93
C VAL A 314 -15.80 13.26 -2.14
N LYS A 315 -14.81 14.14 -2.25
CA LYS A 315 -13.43 13.69 -2.50
C LYS A 315 -12.86 12.92 -1.30
N VAL A 316 -13.03 13.41 -0.05
CA VAL A 316 -12.54 12.72 1.15
C VAL A 316 -13.23 11.36 1.31
N THR A 317 -14.54 11.30 1.13
CA THR A 317 -15.31 10.06 1.22
C THR A 317 -14.84 9.02 0.19
N ALA A 318 -14.64 9.48 -1.06
CA ALA A 318 -14.17 8.63 -2.17
C ALA A 318 -12.73 8.17 -1.95
N ALA A 319 -11.85 9.05 -1.45
CA ALA A 319 -10.42 8.70 -1.23
C ALA A 319 -10.31 7.55 -0.20
N ARG A 320 -11.08 7.64 0.88
CA ARG A 320 -11.13 6.65 1.95
C ARG A 320 -11.79 5.33 1.49
N LEU A 321 -12.84 5.43 0.64
CA LEU A 321 -13.48 4.25 0.06
C LEU A 321 -12.54 3.58 -0.93
N GLY A 322 -11.90 4.40 -1.77
CA GLY A 322 -10.99 3.92 -2.79
C GLY A 322 -9.85 3.10 -2.18
N GLU A 323 -9.25 3.64 -1.09
CA GLU A 323 -8.18 2.95 -0.40
C GLU A 323 -8.62 1.53 0.01
N GLU A 324 -9.81 1.42 0.59
CA GLU A 324 -10.37 0.17 1.02
C GLU A 324 -10.64 -0.79 -0.13
N VAL A 325 -11.26 -0.32 -1.20
CA VAL A 325 -11.57 -1.13 -2.39
C VAL A 325 -10.30 -1.73 -2.95
N ILE A 326 -9.29 -0.90 -3.20
CA ILE A 326 -8.06 -1.41 -3.81
C ILE A 326 -7.31 -2.40 -2.87
N SER A 327 -7.28 -2.12 -1.57
CA SER A 327 -6.63 -2.97 -0.58
C SER A 327 -7.28 -4.34 -0.54
N GLU A 328 -8.64 -4.39 -0.63
CA GLU A 328 -9.38 -5.64 -0.56
C GLU A 328 -9.33 -6.42 -1.88
N CYS A 329 -9.25 -5.72 -3.01
CA CYS A 329 -9.06 -6.35 -4.33
C CYS A 329 -7.66 -7.01 -4.34
N MET A 330 -6.65 -6.26 -3.89
CA MET A 330 -5.27 -6.75 -3.84
C MET A 330 -5.17 -7.98 -2.93
N HIS A 331 -5.92 -8.00 -1.80
CA HIS A 331 -5.96 -9.13 -0.88
C HIS A 331 -6.46 -10.43 -1.56
N ILE A 332 -7.49 -10.30 -2.43
CA ILE A 332 -8.17 -11.39 -3.12
C ILE A 332 -7.27 -12.02 -4.21
N PHE A 333 -6.28 -11.26 -4.66
CA PHE A 333 -5.28 -11.78 -5.59
C PHE A 333 -4.18 -12.62 -4.88
N GLY A 334 -4.24 -12.75 -3.55
CA GLY A 334 -3.28 -13.53 -2.78
C GLY A 334 -1.82 -13.18 -3.07
N GLY A 335 -1.01 -14.23 -3.18
CA GLY A 335 0.43 -14.13 -3.42
C GLY A 335 0.72 -13.43 -4.71
N ALA A 336 -0.05 -13.78 -5.75
CA ALA A 336 0.02 -13.20 -7.09
C ALA A 336 -0.13 -11.69 -7.06
N GLY A 337 -1.00 -11.18 -6.18
CA GLY A 337 -1.20 -9.74 -5.99
C GLY A 337 0.07 -9.02 -5.57
N TYR A 338 0.97 -9.77 -4.90
CA TYR A 338 2.22 -9.23 -4.37
C TYR A 338 3.38 -9.32 -5.35
N LEU A 339 3.16 -10.02 -6.48
CA LEU A 339 4.17 -10.23 -7.52
C LEU A 339 3.95 -9.26 -8.68
N VAL A 340 4.88 -8.32 -8.83
CA VAL A 340 4.84 -7.21 -9.78
C VAL A 340 4.78 -7.68 -11.27
N ASP A 341 5.41 -8.82 -11.60
CA ASP A 341 5.38 -9.33 -12.98
C ASP A 341 4.24 -10.33 -13.22
N GLU A 342 3.44 -10.59 -12.18
CA GLU A 342 2.29 -11.47 -12.36
C GLU A 342 0.98 -10.66 -12.45
N THR A 343 0.85 -9.60 -11.62
CA THR A 343 -0.35 -8.73 -11.59
C THR A 343 0.07 -7.26 -11.39
N THR A 344 -0.83 -6.32 -11.70
CA THR A 344 -0.60 -4.88 -11.54
C THR A 344 -1.34 -4.29 -10.33
N LEU A 345 -1.90 -5.17 -9.47
CA LEU A 345 -2.62 -4.77 -8.27
C LEU A 345 -1.83 -3.90 -7.34
N GLY A 346 -0.52 -4.17 -7.19
CA GLY A 346 0.35 -3.37 -6.33
C GLY A 346 0.43 -1.93 -6.81
N LYS A 347 0.55 -1.74 -8.14
CA LYS A 347 0.60 -0.43 -8.77
C LYS A 347 -0.69 0.36 -8.47
N TRP A 348 -1.86 -0.30 -8.60
CA TRP A 348 -3.15 0.32 -8.32
C TRP A 348 -3.22 0.77 -6.87
N TRP A 349 -2.79 -0.11 -5.98
CA TRP A 349 -2.79 0.06 -4.54
C TRP A 349 -1.87 1.20 -4.14
N ARG A 350 -0.65 1.24 -4.68
CA ARG A 350 0.31 2.33 -4.47
C ARG A 350 -0.21 3.70 -5.01
N ASP A 351 -0.89 3.71 -6.18
CA ASP A 351 -1.49 4.91 -6.79
C ASP A 351 -2.60 5.45 -5.90
N MET A 352 -3.53 4.57 -5.51
CA MET A 352 -4.70 4.94 -4.68
C MET A 352 -4.28 5.57 -3.33
N LYS A 353 -3.12 5.16 -2.72
CA LYS A 353 -2.66 5.74 -1.45
C LYS A 353 -2.46 7.29 -1.51
N LEU A 354 -2.26 7.85 -2.72
CA LEU A 354 -2.13 9.28 -2.89
C LEU A 354 -3.46 10.06 -2.65
N ALA A 355 -4.62 9.40 -2.93
CA ALA A 355 -5.98 10.00 -2.85
C ALA A 355 -6.32 10.72 -1.55
N ARG A 356 -5.88 10.18 -0.41
CA ARG A 356 -6.18 10.77 0.90
C ARG A 356 -5.28 11.96 1.25
N VAL A 357 -4.26 12.19 0.45
CA VAL A 357 -3.31 13.27 0.70
C VAL A 357 -3.31 14.32 -0.43
N GLY A 358 -3.11 13.87 -1.66
CA GLY A 358 -3.09 14.75 -2.82
C GLY A 358 -4.47 15.33 -3.07
N GLY A 359 -4.52 16.62 -3.34
CA GLY A 359 -5.78 17.31 -3.59
C GLY A 359 -6.53 17.65 -2.32
N GLY A 360 -5.81 17.76 -1.20
CA GLY A 360 -6.38 18.03 0.12
C GLY A 360 -6.48 16.78 0.98
N THR A 361 -5.93 16.88 2.18
CA THR A 361 -5.90 15.77 3.14
C THR A 361 -7.30 15.55 3.73
N ASP A 362 -7.58 14.36 4.27
CA ASP A 362 -8.86 14.07 4.92
C ASP A 362 -9.25 15.16 5.94
N GLU A 363 -8.30 15.55 6.79
CA GLU A 363 -8.52 16.48 7.90
C GLU A 363 -8.90 17.87 7.43
N VAL A 364 -8.15 18.41 6.45
CA VAL A 364 -8.43 19.71 5.83
C VAL A 364 -9.83 19.71 5.19
N LEU A 365 -10.17 18.64 4.47
CA LEU A 365 -11.49 18.50 3.85
C LEU A 365 -12.60 18.35 4.87
N TRP A 366 -12.35 17.63 5.96
CA TRP A 366 -13.36 17.51 7.02
C TRP A 366 -13.54 18.83 7.77
N GLU A 367 -12.47 19.64 7.89
CA GLU A 367 -12.59 20.97 8.49
C GLU A 367 -13.49 21.86 7.62
N LEU A 368 -13.35 21.78 6.27
CA LEU A 368 -14.21 22.56 5.35
C LEU A 368 -15.64 22.11 5.45
N VAL A 369 -15.89 20.77 5.53
CA VAL A 369 -17.27 20.28 5.70
C VAL A 369 -17.84 20.77 7.04
N ALA A 370 -17.08 20.59 8.14
CA ALA A 370 -17.54 20.99 9.48
C ALA A 370 -17.92 22.48 9.58
N ALA A 371 -17.12 23.35 8.95
CA ALA A 371 -17.28 24.80 8.94
C ALA A 371 -18.66 25.28 8.42
N GLY A 372 -19.27 24.49 7.54
CA GLY A 372 -20.59 24.81 7.00
C GLY A 372 -21.73 24.00 7.56
N MET A 373 -21.48 23.19 8.61
CA MET A 373 -22.54 22.36 9.21
C MET A 373 -23.39 23.23 10.09
N THR A 374 -24.72 23.03 10.03
CA THR A 374 -25.63 23.87 10.81
C THR A 374 -26.41 23.12 11.89
N PRO A 375 -26.38 23.66 13.12
CA PRO A 375 -27.13 23.02 14.22
C PRO A 375 -28.63 23.18 14.07
N ASP A 376 -29.38 22.24 14.65
CA ASP A 376 -30.83 22.26 14.67
C ASP A 376 -31.29 22.51 16.11
N HIS A 377 -31.43 23.80 16.47
CA HIS A 377 -31.86 24.24 17.79
C HIS A 377 -33.26 23.81 18.18
N ASP A 378 -34.22 23.85 17.23
CA ASP A 378 -35.62 23.49 17.47
C ASP A 378 -35.78 22.00 17.76
N GLY A 379 -35.10 21.17 16.95
CA GLY A 379 -35.14 19.72 17.12
C GLY A 379 -34.49 19.34 18.44
N TYR A 380 -33.33 19.98 18.76
CA TYR A 380 -32.62 19.76 20.02
C TYR A 380 -33.50 20.11 21.21
N ALA A 381 -34.23 21.23 21.12
CA ALA A 381 -35.22 21.67 22.12
C ALA A 381 -36.33 20.59 22.30
N ALA A 382 -36.71 19.89 21.22
CA ALA A 382 -37.73 18.82 21.26
C ALA A 382 -37.21 17.48 21.83
N VAL A 383 -35.89 17.23 21.74
CA VAL A 383 -35.26 16.01 22.24
C VAL A 383 -34.98 16.11 23.76
N VAL A 384 -34.75 17.34 24.28
CA VAL A 384 -34.44 17.56 25.70
C VAL A 384 -35.62 18.15 26.49
N SER B 8 14.80 -15.49 35.53
CA SER B 8 14.43 -16.18 34.30
C SER B 8 15.58 -16.37 33.31
N ASP B 9 15.47 -17.52 32.59
CA ASP B 9 16.28 -17.93 31.45
C ASP B 9 15.90 -16.93 30.29
N LEU B 10 14.66 -16.38 30.36
CA LEU B 10 14.09 -15.39 29.46
C LEU B 10 14.85 -14.06 29.52
N ASP B 11 15.21 -13.58 30.74
CA ASP B 11 16.02 -12.35 30.91
C ASP B 11 17.42 -12.52 30.30
N ASP B 12 17.99 -13.73 30.43
CA ASP B 12 19.28 -14.08 29.86
C ASP B 12 19.17 -14.15 28.35
N PHE B 13 18.01 -14.63 27.83
CA PHE B 13 17.75 -14.70 26.38
C PHE B 13 17.66 -13.28 25.80
N ARG B 14 17.04 -12.36 26.54
CA ARG B 14 16.90 -10.95 26.15
C ARG B 14 18.27 -10.29 26.08
N GLY B 15 19.08 -10.60 27.11
CA GLY B 15 20.46 -10.14 27.21
C GLY B 15 21.27 -10.61 26.04
N LEU B 16 21.05 -11.87 25.62
CA LEU B 16 21.71 -12.46 24.47
C LEU B 16 21.26 -11.75 23.18
N LEU B 17 19.94 -11.49 23.04
CA LEU B 17 19.37 -10.80 21.88
C LEU B 17 19.97 -9.41 21.75
N ALA B 18 20.04 -8.68 22.87
CA ALA B 18 20.65 -7.33 22.96
C ALA B 18 22.13 -7.31 22.45
N LYS B 19 22.87 -8.40 22.69
CA LYS B 19 24.26 -8.56 22.24
C LYS B 19 24.34 -8.89 20.76
N ALA B 20 23.45 -9.75 20.28
CA ALA B 20 23.47 -10.17 18.89
C ALA B 20 22.92 -9.09 17.95
N PHE B 21 21.82 -8.41 18.33
CA PHE B 21 21.19 -7.39 17.49
C PHE B 21 21.91 -6.04 17.71
N ASP B 22 23.10 -5.93 17.12
CA ASP B 22 24.00 -4.78 17.23
C ASP B 22 23.92 -3.84 16.03
N GLU B 23 24.71 -2.74 16.06
CA GLU B 23 24.76 -1.75 14.98
C GLU B 23 25.13 -2.34 13.61
N ARG B 24 25.90 -3.42 13.61
CA ARG B 24 26.29 -4.09 12.37
C ARG B 24 25.06 -4.80 11.77
N VAL B 25 24.17 -5.36 12.63
CA VAL B 25 22.93 -5.99 12.18
C VAL B 25 22.05 -4.94 11.52
N VAL B 26 22.00 -3.73 12.14
CA VAL B 26 21.21 -2.59 11.65
C VAL B 26 21.72 -2.17 10.27
N ALA B 27 23.05 -2.13 10.10
CA ALA B 27 23.70 -1.76 8.84
C ALA B 27 23.43 -2.82 7.77
N TRP B 28 23.48 -4.13 8.15
CA TRP B 28 23.23 -5.22 7.17
C TRP B 28 21.80 -5.10 6.65
N THR B 29 20.86 -4.77 7.54
CA THR B 29 19.45 -4.59 7.22
C THR B 29 19.27 -3.52 6.15
N ALA B 30 19.88 -2.35 6.38
CA ALA B 30 19.85 -1.22 5.46
C ALA B 30 20.43 -1.61 4.08
N GLU B 31 21.58 -2.29 4.06
CA GLU B 31 22.22 -2.76 2.81
C GLU B 31 21.32 -3.79 2.09
N ALA B 32 20.71 -4.72 2.86
CA ALA B 32 19.82 -5.74 2.32
C ALA B 32 18.64 -5.07 1.64
N GLU B 33 18.11 -3.98 2.24
CA GLU B 33 16.98 -3.23 1.65
C GLU B 33 17.34 -2.59 0.31
N ALA B 34 18.52 -1.97 0.26
CA ALA B 34 19.05 -1.34 -0.94
C ALA B 34 19.31 -2.36 -2.06
N GLN B 35 19.84 -3.55 -1.72
CA GLN B 35 20.20 -4.61 -2.68
C GLN B 35 19.07 -5.57 -3.03
N GLU B 36 18.02 -5.62 -2.18
CA GLU B 36 16.87 -6.51 -2.31
C GLU B 36 17.33 -7.97 -2.31
N ARG B 37 18.27 -8.26 -1.40
CA ARG B 37 18.85 -9.60 -1.22
C ARG B 37 18.91 -9.86 0.28
N PHE B 38 18.54 -11.08 0.70
CA PHE B 38 18.64 -11.49 2.09
C PHE B 38 20.15 -11.62 2.46
N PRO B 39 20.62 -11.03 3.60
CA PRO B 39 22.03 -11.24 4.00
C PRO B 39 22.19 -12.55 4.76
N ARG B 40 22.73 -13.59 4.10
CA ARG B 40 22.97 -14.91 4.71
C ARG B 40 23.74 -14.77 6.06
N GLN B 41 24.68 -13.80 6.13
CA GLN B 41 25.49 -13.55 7.32
C GLN B 41 24.69 -13.31 8.60
N LEU B 42 23.42 -12.82 8.48
CA LEU B 42 22.58 -12.60 9.66
C LEU B 42 22.21 -13.91 10.34
N ILE B 43 21.82 -14.95 9.57
CA ILE B 43 21.48 -16.28 10.12
C ILE B 43 22.74 -16.90 10.73
N GLU B 44 23.90 -16.83 9.99
CA GLU B 44 25.19 -17.32 10.46
C GLU B 44 25.57 -16.62 11.77
N HIS B 45 25.38 -15.28 11.82
CA HIS B 45 25.68 -14.44 13.00
C HIS B 45 24.81 -14.82 14.15
N LEU B 46 23.49 -14.97 13.93
CA LEU B 46 22.57 -15.37 14.99
C LEU B 46 22.90 -16.79 15.51
N GLY B 47 23.29 -17.68 14.60
CA GLY B 47 23.73 -19.03 14.93
C GLY B 47 25.00 -19.01 15.77
N VAL B 48 26.06 -18.33 15.28
CA VAL B 48 27.35 -18.14 15.96
C VAL B 48 27.19 -17.48 17.35
N CYS B 49 26.24 -16.54 17.49
CA CYS B 49 25.93 -15.86 18.76
C CYS B 49 25.24 -16.75 19.79
N GLY B 50 24.77 -17.93 19.37
CA GLY B 50 24.06 -18.85 20.24
C GLY B 50 22.57 -18.55 20.38
N VAL B 51 21.99 -17.69 19.49
CA VAL B 51 20.57 -17.27 19.53
C VAL B 51 19.63 -18.46 19.33
N PHE B 52 19.80 -19.22 18.21
CA PHE B 52 18.95 -20.39 17.97
C PHE B 52 19.19 -21.48 19.04
N ASP B 53 20.46 -21.63 19.47
CA ASP B 53 20.85 -22.61 20.48
C ASP B 53 20.21 -22.31 21.81
N ALA B 54 20.31 -21.06 22.29
CA ALA B 54 19.66 -20.63 23.53
C ALA B 54 18.12 -20.75 23.43
N LYS B 55 17.54 -20.46 22.25
CA LYS B 55 16.08 -20.56 22.06
C LYS B 55 15.59 -22.01 22.14
N TRP B 56 16.28 -22.91 21.46
CA TRP B 56 15.91 -24.31 21.36
C TRP B 56 16.37 -25.19 22.51
N ALA B 57 17.54 -24.90 23.10
CA ALA B 57 18.17 -25.69 24.18
C ALA B 57 18.09 -27.17 23.79
N THR B 58 17.53 -28.03 24.63
CA THR B 58 17.42 -29.47 24.32
C THR B 58 15.96 -29.87 24.04
N ASP B 59 15.05 -28.88 24.00
CA ASP B 59 13.60 -29.06 23.76
C ASP B 59 13.24 -29.42 22.33
N ALA B 60 12.32 -30.37 22.17
CA ALA B 60 11.75 -30.76 20.87
C ALA B 60 10.62 -29.77 20.53
N ARG B 61 9.99 -29.17 21.54
CA ARG B 61 8.91 -28.23 21.33
C ARG B 61 9.31 -26.82 21.74
N PRO B 62 8.86 -25.78 21.02
CA PRO B 62 9.39 -24.43 21.27
C PRO B 62 8.98 -23.76 22.55
N ASP B 63 9.85 -22.91 23.06
CA ASP B 63 9.60 -22.05 24.20
C ASP B 63 8.97 -20.81 23.54
N VAL B 64 7.67 -20.62 23.76
CA VAL B 64 6.89 -19.53 23.15
C VAL B 64 7.38 -18.17 23.65
N GLY B 65 7.82 -18.07 24.91
CA GLY B 65 8.35 -16.82 25.44
C GLY B 65 9.59 -16.38 24.68
N LYS B 66 10.53 -17.30 24.43
CA LYS B 66 11.76 -16.99 23.71
C LYS B 66 11.45 -16.72 22.23
N LEU B 67 10.51 -17.49 21.62
CA LEU B 67 10.02 -17.30 20.24
C LEU B 67 9.53 -15.86 20.09
N VAL B 68 8.71 -15.41 21.06
CA VAL B 68 8.11 -14.06 21.07
C VAL B 68 9.18 -12.97 21.24
N GLU B 69 10.15 -13.16 22.17
CA GLU B 69 11.23 -12.21 22.37
C GLU B 69 12.08 -12.01 21.13
N LEU B 70 12.38 -13.12 20.42
CA LEU B 70 13.16 -13.06 19.20
C LEU B 70 12.34 -12.29 18.12
N ALA B 71 11.02 -12.53 18.07
CA ALA B 71 10.10 -11.83 17.12
C ALA B 71 10.13 -10.31 17.34
N PHE B 72 10.14 -9.85 18.61
CA PHE B 72 10.23 -8.43 18.93
C PHE B 72 11.57 -7.88 18.45
N ALA B 73 12.69 -8.61 18.67
CA ALA B 73 14.01 -8.16 18.22
C ALA B 73 14.03 -7.95 16.73
N LEU B 74 13.47 -8.94 15.98
CA LEU B 74 13.36 -8.92 14.52
C LEU B 74 12.45 -7.77 14.06
N GLY B 75 11.34 -7.57 14.77
CA GLY B 75 10.37 -6.51 14.49
C GLY B 75 10.92 -5.12 14.63
N GLN B 76 11.84 -4.93 15.59
CA GLN B 76 12.49 -3.63 15.86
C GLN B 76 13.30 -3.14 14.65
N LEU B 77 13.79 -4.07 13.77
CA LEU B 77 14.54 -3.71 12.57
C LEU B 77 13.67 -3.03 11.47
N ALA B 78 12.30 -3.12 11.58
CA ALA B 78 11.29 -2.54 10.67
C ALA B 78 11.52 -2.96 9.19
N SER B 79 11.81 -4.27 8.98
CA SER B 79 12.12 -4.87 7.69
C SER B 79 11.51 -6.24 7.63
N ALA B 80 10.43 -6.39 6.86
CA ALA B 80 9.75 -7.66 6.69
C ALA B 80 10.67 -8.75 6.12
N GLY B 81 11.53 -8.40 5.15
CA GLY B 81 12.45 -9.37 4.57
C GLY B 81 13.41 -10.01 5.55
N ILE B 82 14.05 -9.18 6.35
CA ILE B 82 15.03 -9.61 7.34
C ILE B 82 14.37 -10.45 8.45
N GLY B 83 13.34 -9.88 9.06
CA GLY B 83 12.55 -10.52 10.11
C GLY B 83 11.91 -11.81 9.68
N VAL B 84 11.27 -11.82 8.50
CA VAL B 84 10.57 -13.00 7.98
C VAL B 84 11.58 -14.09 7.63
N GLY B 85 12.66 -13.75 6.93
CA GLY B 85 13.69 -14.71 6.55
C GLY B 85 14.26 -15.46 7.74
N VAL B 86 14.60 -14.76 8.83
CA VAL B 86 15.10 -15.43 10.03
C VAL B 86 14.03 -16.37 10.61
N SER B 87 12.77 -15.88 10.73
CA SER B 87 11.69 -16.64 11.32
C SER B 87 11.39 -17.89 10.52
N LEU B 88 11.50 -17.81 9.20
CA LEU B 88 11.28 -18.99 8.37
C LEU B 88 12.32 -20.09 8.61
N HIS B 89 13.60 -19.69 8.75
CA HIS B 89 14.72 -20.58 9.02
C HIS B 89 14.44 -21.28 10.35
N ASP B 90 14.09 -20.51 11.39
CA ASP B 90 13.76 -21.00 12.73
C ASP B 90 12.49 -21.91 12.77
N SER B 91 11.51 -21.69 11.88
CA SER B 91 10.27 -22.48 11.82
C SER B 91 10.57 -23.81 11.19
N ALA B 92 11.55 -23.84 10.26
CA ALA B 92 11.97 -25.07 9.61
C ALA B 92 12.74 -25.91 10.67
N ILE B 93 13.47 -25.25 11.59
CA ILE B 93 14.13 -25.91 12.73
C ILE B 93 13.04 -26.56 13.61
N ALA B 94 11.93 -25.83 13.89
CA ALA B 94 10.80 -26.33 14.67
C ALA B 94 10.22 -27.63 14.08
N ILE B 95 10.09 -27.71 12.74
CA ILE B 95 9.65 -28.92 12.05
C ILE B 95 10.65 -30.05 12.30
N LEU B 96 11.96 -29.79 12.07
CA LEU B 96 12.99 -30.82 12.27
C LEU B 96 13.08 -31.29 13.73
N ARG B 97 13.06 -30.37 14.69
CA ARG B 97 13.12 -30.70 16.12
C ARG B 97 11.98 -31.64 16.59
N ARG B 98 10.77 -31.43 16.08
CA ARG B 98 9.67 -32.27 16.46
C ARG B 98 9.46 -33.52 15.58
N PHE B 99 9.78 -33.44 14.27
CA PHE B 99 9.47 -34.53 13.35
C PHE B 99 10.69 -35.28 12.76
N GLY B 100 11.87 -34.65 12.73
CA GLY B 100 13.08 -35.26 12.15
C GLY B 100 13.65 -36.34 13.04
N LYS B 101 13.45 -37.61 12.65
CA LYS B 101 13.89 -38.77 13.44
C LYS B 101 15.30 -39.31 13.10
N SER B 102 15.65 -39.35 11.80
CA SER B 102 16.94 -39.88 11.30
C SER B 102 18.10 -39.02 11.75
N ASP B 103 19.30 -39.64 11.85
CA ASP B 103 20.56 -38.96 12.22
C ASP B 103 20.94 -37.88 11.22
N TYR B 104 20.61 -38.12 9.96
CA TYR B 104 20.80 -37.20 8.86
C TYR B 104 20.04 -35.87 9.14
N LEU B 105 18.72 -35.97 9.53
CA LEU B 105 17.86 -34.82 9.84
C LEU B 105 18.31 -34.10 11.08
N ARG B 106 18.70 -34.85 12.16
CA ARG B 106 19.17 -34.25 13.40
C ARG B 106 20.47 -33.47 13.15
N ASP B 107 21.28 -33.95 12.19
CA ASP B 107 22.53 -33.24 11.87
C ASP B 107 22.23 -31.98 11.05
N ILE B 108 21.31 -32.05 10.10
CA ILE B 108 20.87 -30.87 9.34
C ILE B 108 20.28 -29.83 10.31
N CYS B 109 19.48 -30.29 11.26
CA CYS B 109 18.89 -29.48 12.30
C CYS B 109 19.93 -28.79 13.16
N ASP B 110 20.97 -29.52 13.60
CA ASP B 110 22.09 -28.96 14.39
C ASP B 110 22.85 -27.91 13.56
N GLN B 111 23.07 -28.18 12.28
CA GLN B 111 23.76 -27.25 11.37
C GLN B 111 22.94 -25.94 11.29
N ALA B 112 21.60 -26.08 11.20
CA ALA B 112 20.68 -24.93 11.14
C ALA B 112 20.72 -24.12 12.45
N ILE B 113 20.78 -24.78 13.62
CA ILE B 113 20.87 -24.09 14.92
C ILE B 113 22.22 -23.29 15.04
N ARG B 114 23.30 -23.84 14.44
CA ARG B 114 24.62 -23.23 14.42
C ARG B 114 24.70 -22.09 13.41
N GLY B 115 23.81 -22.08 12.42
CA GLY B 115 23.82 -21.09 11.36
C GLY B 115 24.76 -21.52 10.23
N ALA B 116 25.04 -22.84 10.15
CA ALA B 116 25.89 -23.48 9.14
C ALA B 116 25.07 -23.87 7.91
N ALA B 117 23.75 -24.09 8.10
CA ALA B 117 22.85 -24.45 7.01
C ALA B 117 21.63 -23.58 7.10
N VAL B 118 21.21 -22.98 5.97
CA VAL B 118 20.01 -22.15 5.90
C VAL B 118 18.89 -23.07 5.44
N LEU B 119 17.79 -23.12 6.18
CA LEU B 119 16.64 -23.93 5.79
C LEU B 119 15.52 -23.01 5.27
N CYS B 120 14.72 -23.54 4.37
CA CYS B 120 13.58 -22.81 3.84
C CYS B 120 12.42 -23.83 3.69
N ILE B 121 11.21 -23.35 3.43
CA ILE B 121 9.98 -24.15 3.35
C ILE B 121 9.39 -24.08 1.95
N GLY B 122 9.14 -25.25 1.37
CA GLY B 122 8.56 -25.40 0.04
C GLY B 122 7.21 -26.07 0.17
N ALA B 123 6.19 -25.27 0.54
CA ALA B 123 4.81 -25.73 0.74
C ALA B 123 3.85 -25.32 -0.42
N SER B 124 3.75 -24.00 -0.68
CA SER B 124 2.89 -23.37 -1.71
C SER B 124 3.20 -23.74 -3.16
N GLU B 125 2.14 -23.89 -3.95
CA GLU B 125 2.21 -24.22 -5.38
C GLU B 125 1.30 -23.25 -6.14
N GLU B 126 1.44 -23.21 -7.48
CA GLU B 126 0.63 -22.37 -8.37
C GLU B 126 -0.86 -22.74 -8.23
N SER B 127 -1.18 -24.03 -8.18
CA SER B 127 -2.56 -24.51 -8.03
C SER B 127 -3.00 -24.37 -6.57
N GLY B 128 -2.35 -25.14 -5.70
CA GLY B 128 -2.62 -25.15 -4.27
C GLY B 128 -1.71 -24.21 -3.50
N GLY B 129 -2.15 -22.97 -3.33
CA GLY B 129 -1.44 -21.99 -2.55
C GLY B 129 -1.85 -22.09 -1.09
N SER B 130 -3.13 -21.84 -0.78
CA SER B 130 -3.72 -21.89 0.56
C SER B 130 -4.10 -23.31 1.00
N ASP B 131 -4.60 -24.12 0.05
CA ASP B 131 -5.01 -25.51 0.27
C ASP B 131 -3.81 -26.43 0.02
N LEU B 132 -3.14 -26.89 1.09
CA LEU B 132 -1.95 -27.73 0.93
C LEU B 132 -2.27 -29.23 0.72
N GLN B 133 -3.57 -29.61 0.83
CA GLN B 133 -4.04 -30.96 0.57
C GLN B 133 -4.00 -31.24 -0.95
N ILE B 134 -4.12 -30.19 -1.79
CA ILE B 134 -4.12 -30.32 -3.25
C ILE B 134 -2.70 -30.08 -3.86
N VAL B 135 -1.63 -30.52 -3.12
CA VAL B 135 -0.26 -30.41 -3.61
C VAL B 135 -0.01 -31.36 -4.78
N GLU B 136 0.52 -30.83 -5.87
CA GLU B 136 0.87 -31.56 -7.07
C GLU B 136 2.24 -32.27 -6.96
N THR B 137 3.13 -31.77 -6.05
CA THR B 137 4.47 -32.30 -5.81
C THR B 137 4.29 -33.71 -5.29
N GLU B 138 4.96 -34.66 -5.94
CA GLU B 138 4.85 -36.08 -5.63
C GLU B 138 6.10 -36.67 -5.03
N ILE B 139 5.89 -37.64 -4.14
CA ILE B 139 6.89 -38.46 -3.49
C ILE B 139 6.56 -39.95 -3.78
N ARG B 140 7.58 -40.70 -4.25
CA ARG B 140 7.40 -42.10 -4.57
C ARG B 140 8.60 -42.90 -4.08
N SER B 141 8.34 -44.00 -3.37
CA SER B 141 9.36 -44.92 -2.88
C SER B 141 10.09 -45.51 -4.08
N ARG B 142 11.42 -45.45 -4.04
CA ARG B 142 12.25 -46.00 -5.11
C ARG B 142 13.62 -46.33 -4.57
N ASP B 143 14.07 -47.61 -4.76
CA ASP B 143 15.41 -48.09 -4.42
C ASP B 143 15.86 -47.73 -2.99
N GLY B 144 14.97 -47.93 -2.04
CA GLY B 144 15.24 -47.66 -0.63
C GLY B 144 15.28 -46.18 -0.28
N GLY B 145 14.88 -45.34 -1.23
CA GLY B 145 14.81 -43.90 -1.07
C GLY B 145 13.49 -43.35 -1.57
N PHE B 146 13.51 -42.08 -2.07
CA PHE B 146 12.31 -41.43 -2.58
C PHE B 146 12.55 -40.52 -3.75
N GLU B 147 11.73 -40.66 -4.81
CA GLU B 147 11.73 -39.76 -5.96
C GLU B 147 10.85 -38.58 -5.55
N VAL B 148 11.26 -37.36 -5.90
CA VAL B 148 10.52 -36.16 -5.54
C VAL B 148 10.45 -35.31 -6.80
N ARG B 149 9.23 -35.05 -7.30
CA ARG B 149 9.00 -34.24 -8.50
C ARG B 149 7.84 -33.27 -8.30
N GLY B 150 8.10 -32.00 -8.62
CA GLY B 150 7.14 -30.92 -8.52
C GLY B 150 7.73 -29.53 -8.62
N VAL B 151 6.85 -28.52 -8.57
CA VAL B 151 7.24 -27.11 -8.59
C VAL B 151 6.61 -26.40 -7.38
N LYS B 152 7.42 -25.60 -6.68
CA LYS B 152 6.97 -24.82 -5.52
C LYS B 152 7.05 -23.38 -5.92
N LYS B 153 5.98 -22.60 -5.68
CA LYS B 153 5.89 -21.23 -6.17
C LYS B 153 6.54 -20.18 -5.30
N PHE B 154 6.26 -20.16 -4.00
CA PHE B 154 6.76 -19.06 -3.18
C PHE B 154 7.80 -19.50 -2.20
N VAL B 155 8.99 -19.85 -2.66
CA VAL B 155 9.98 -20.34 -1.70
C VAL B 155 10.89 -19.21 -1.27
N SER B 156 10.62 -18.63 -0.11
CA SER B 156 11.42 -17.55 0.42
C SER B 156 12.73 -18.16 0.96
N LEU B 157 13.86 -17.49 0.68
CA LEU B 157 15.25 -17.85 1.01
C LEU B 157 15.82 -18.91 0.08
N SER B 158 15.02 -19.45 -0.87
CA SER B 158 15.50 -20.48 -1.80
C SER B 158 16.84 -20.12 -2.53
N PRO B 159 17.14 -18.83 -2.96
CA PRO B 159 18.45 -18.54 -3.57
C PRO B 159 19.65 -18.75 -2.68
N ILE B 160 19.48 -18.73 -1.35
CA ILE B 160 20.57 -18.93 -0.38
C ILE B 160 20.41 -20.20 0.51
N ALA B 161 19.27 -20.89 0.42
CA ALA B 161 19.04 -22.06 1.29
C ALA B 161 19.94 -23.21 0.96
N ASP B 162 20.21 -24.09 1.94
CA ASP B 162 21.00 -25.31 1.79
C ASP B 162 20.07 -26.51 1.68
N HIS B 163 18.91 -26.45 2.41
CA HIS B 163 17.90 -27.50 2.38
C HIS B 163 16.49 -26.89 2.31
N ILE B 164 15.59 -27.56 1.60
CA ILE B 164 14.19 -27.15 1.46
C ILE B 164 13.33 -28.23 2.07
N MET B 165 12.39 -27.83 2.98
CA MET B 165 11.40 -28.71 3.62
C MET B 165 10.26 -28.74 2.62
N VAL B 166 10.17 -29.82 1.83
CA VAL B 166 9.21 -29.99 0.75
C VAL B 166 7.96 -30.77 1.16
N VAL B 167 6.79 -30.13 1.02
CA VAL B 167 5.50 -30.77 1.29
C VAL B 167 5.16 -31.55 0.00
N ALA B 168 4.90 -32.84 0.13
CA ALA B 168 4.64 -33.69 -1.03
C ALA B 168 3.51 -34.66 -0.77
N ARG B 169 2.90 -35.11 -1.87
CA ARG B 169 1.81 -36.08 -1.85
C ARG B 169 2.39 -37.44 -2.24
N SER B 170 2.21 -38.45 -1.37
CA SER B 170 2.71 -39.81 -1.61
C SER B 170 1.82 -40.58 -2.59
N VAL B 171 2.43 -41.11 -3.64
CA VAL B 171 1.76 -41.89 -4.66
C VAL B 171 1.67 -43.39 -4.19
N ASP B 172 2.52 -43.82 -3.24
CA ASP B 172 2.46 -45.17 -2.69
C ASP B 172 1.28 -45.35 -1.73
N HIS B 173 0.80 -44.24 -1.14
CA HIS B 173 -0.30 -44.24 -0.19
C HIS B 173 -1.61 -43.75 -0.81
N ASP B 174 -2.75 -44.08 -0.18
CA ASP B 174 -4.07 -43.71 -0.66
C ASP B 174 -4.57 -42.39 -0.03
N PRO B 175 -5.10 -41.42 -0.84
CA PRO B 175 -5.60 -40.16 -0.26
C PRO B 175 -6.87 -40.34 0.58
N GLY B 180 -4.12 -39.41 5.76
CA GLY B 180 -4.05 -39.12 4.34
C GLY B 180 -2.73 -39.47 3.64
N ASN B 181 -2.39 -38.68 2.62
CA ASN B 181 -1.26 -38.84 1.68
C ASN B 181 -0.01 -37.97 1.89
N VAL B 182 -0.19 -36.79 2.52
CA VAL B 182 0.81 -35.75 2.65
C VAL B 182 2.00 -36.15 3.55
N ALA B 183 3.20 -35.86 3.00
CA ALA B 183 4.51 -36.10 3.58
C ALA B 183 5.37 -34.82 3.48
N VAL B 184 6.42 -34.77 4.32
CA VAL B 184 7.42 -33.70 4.28
C VAL B 184 8.79 -34.35 4.08
N VAL B 185 9.54 -33.89 3.09
CA VAL B 185 10.84 -34.43 2.74
C VAL B 185 11.89 -33.30 2.62
N ALA B 186 13.10 -33.51 3.19
CA ALA B 186 14.20 -32.53 3.12
C ALA B 186 14.99 -32.77 1.87
N VAL B 187 15.14 -31.73 1.03
CA VAL B 187 15.86 -31.83 -0.23
C VAL B 187 17.03 -30.85 -0.25
N PRO B 188 18.28 -31.32 -0.55
CA PRO B 188 19.41 -30.37 -0.64
C PRO B 188 19.29 -29.40 -1.83
N ALA B 189 19.86 -28.20 -1.67
CA ALA B 189 19.88 -27.12 -2.67
C ALA B 189 20.42 -27.53 -4.05
N ALA B 190 21.47 -28.36 -4.05
CA ALA B 190 22.12 -28.87 -5.26
C ALA B 190 21.19 -29.77 -6.06
N GLN B 191 20.15 -30.33 -5.42
CA GLN B 191 19.20 -31.25 -6.05
C GLN B 191 17.91 -30.56 -6.53
N VAL B 192 17.86 -29.21 -6.51
CA VAL B 192 16.73 -28.40 -6.96
C VAL B 192 17.16 -27.33 -7.91
N SER B 193 16.25 -26.83 -8.72
CA SER B 193 16.52 -25.74 -9.65
C SER B 193 15.75 -24.51 -9.16
N VAL B 194 16.47 -23.53 -8.61
CA VAL B 194 15.86 -22.31 -8.09
C VAL B 194 15.75 -21.34 -9.24
N GLN B 195 14.53 -20.82 -9.46
CA GLN B 195 14.23 -19.87 -10.52
C GLN B 195 14.70 -18.46 -10.16
N THR B 196 14.60 -17.51 -11.10
CA THR B 196 15.01 -16.13 -10.83
C THR B 196 14.06 -15.53 -9.77
N PRO B 197 14.57 -14.88 -8.70
CA PRO B 197 13.64 -14.30 -7.70
C PRO B 197 12.63 -13.31 -8.30
N TYR B 198 11.43 -13.31 -7.74
CA TYR B 198 10.33 -12.41 -8.14
C TYR B 198 10.62 -10.98 -7.71
N ARG B 199 10.17 -10.02 -8.55
CA ARG B 199 10.11 -8.60 -8.21
C ARG B 199 8.78 -8.55 -7.43
N LYS B 200 8.82 -8.03 -6.23
CA LYS B 200 7.66 -8.02 -5.35
C LYS B 200 7.24 -6.63 -4.97
N VAL B 201 6.01 -6.49 -4.41
CA VAL B 201 5.44 -5.20 -4.02
C VAL B 201 6.27 -4.58 -2.88
N GLY B 202 6.71 -5.42 -1.96
CA GLY B 202 7.54 -5.00 -0.84
C GLY B 202 8.34 -6.19 -0.37
N ALA B 203 8.86 -6.14 0.86
CA ALA B 203 9.72 -7.19 1.43
C ALA B 203 10.89 -7.55 0.45
N GLY B 204 11.59 -6.50 -0.02
CA GLY B 204 12.73 -6.58 -0.95
C GLY B 204 13.75 -7.66 -0.60
N PRO B 205 14.36 -7.62 0.63
CA PRO B 205 15.33 -8.70 0.98
C PRO B 205 14.74 -10.11 1.21
N LEU B 206 13.43 -10.31 1.05
CA LEU B 206 12.85 -11.64 1.21
C LEU B 206 12.92 -12.31 -0.17
N ASP B 207 14.09 -12.86 -0.50
CA ASP B 207 14.38 -13.49 -1.80
C ASP B 207 13.43 -14.66 -2.00
N THR B 208 12.41 -14.47 -2.82
CA THR B 208 11.38 -15.49 -3.04
C THR B 208 11.43 -15.89 -4.49
N ALA B 209 11.40 -17.21 -4.74
CA ALA B 209 11.47 -17.74 -6.11
C ALA B 209 10.75 -19.07 -6.22
N ALA B 210 10.41 -19.48 -7.45
CA ALA B 210 9.84 -20.81 -7.71
C ALA B 210 11.00 -21.81 -7.62
N VAL B 211 10.70 -23.05 -7.24
CA VAL B 211 11.70 -24.12 -7.12
C VAL B 211 11.23 -25.36 -7.86
N CYS B 212 11.95 -25.71 -8.94
CA CYS B 212 11.65 -26.90 -9.73
C CYS B 212 12.46 -28.07 -9.16
N ILE B 213 11.75 -29.18 -8.86
CA ILE B 213 12.28 -30.41 -8.25
C ILE B 213 11.92 -31.63 -9.12
N ASP B 214 12.94 -32.45 -9.45
CA ASP B 214 12.87 -33.73 -10.15
C ASP B 214 14.15 -34.45 -9.72
N THR B 215 14.08 -35.11 -8.56
CA THR B 215 15.28 -35.70 -7.96
C THR B 215 14.92 -36.93 -7.16
N TRP B 216 15.92 -37.55 -6.51
CA TRP B 216 15.80 -38.71 -5.65
C TRP B 216 16.55 -38.38 -4.38
N VAL B 217 16.04 -38.82 -3.26
CA VAL B 217 16.69 -38.58 -1.96
C VAL B 217 16.72 -39.87 -1.13
N PRO B 218 17.71 -40.06 -0.25
CA PRO B 218 17.69 -41.25 0.63
C PRO B 218 16.46 -41.27 1.54
N ALA B 219 16.14 -42.46 2.09
CA ALA B 219 15.03 -42.67 3.02
C ALA B 219 15.12 -41.79 4.26
N ASP B 220 16.34 -41.43 4.68
CA ASP B 220 16.60 -40.67 5.90
C ASP B 220 16.29 -39.17 5.76
N ALA B 221 16.00 -38.71 4.52
CA ALA B 221 15.61 -37.35 4.21
C ALA B 221 14.09 -37.15 4.47
N LEU B 222 13.38 -38.24 4.86
CA LEU B 222 11.95 -38.17 5.12
C LEU B 222 11.68 -37.51 6.46
N VAL B 223 11.17 -36.29 6.42
CA VAL B 223 10.87 -35.57 7.67
C VAL B 223 9.58 -36.09 8.32
N ALA B 224 8.56 -36.31 7.50
CA ALA B 224 7.26 -36.74 8.00
C ALA B 224 6.61 -37.64 6.98
N ARG B 225 6.36 -38.89 7.36
CA ARG B 225 5.78 -39.91 6.50
C ARG B 225 4.35 -39.55 6.07
N ALA B 226 3.91 -40.14 4.94
CA ALA B 226 2.58 -39.97 4.33
C ALA B 226 1.50 -40.06 5.40
N GLY B 227 0.65 -39.03 5.49
CA GLY B 227 -0.39 -38.96 6.50
C GLY B 227 0.02 -38.24 7.78
N THR B 228 1.27 -37.70 7.86
CA THR B 228 1.73 -36.88 9.01
C THR B 228 2.32 -35.52 8.52
N GLY B 229 2.43 -35.37 7.20
CA GLY B 229 2.95 -34.20 6.51
C GLY B 229 2.25 -32.89 6.84
N LEU B 230 0.88 -32.90 6.86
CA LEU B 230 0.10 -31.71 7.21
C LEU B 230 0.29 -31.31 8.65
N ALA B 231 0.38 -32.27 9.54
CA ALA B 231 0.66 -31.94 10.93
C ALA B 231 2.05 -31.27 11.07
N ALA B 232 3.07 -31.76 10.30
CA ALA B 232 4.45 -31.22 10.32
C ALA B 232 4.51 -29.82 9.77
N ILE B 233 3.89 -29.58 8.63
CA ILE B 233 3.88 -28.24 8.07
C ILE B 233 3.02 -27.26 8.91
N SER B 234 1.90 -27.72 9.51
CA SER B 234 1.05 -26.89 10.37
C SER B 234 1.81 -26.45 11.60
N TRP B 235 2.64 -27.35 12.14
CA TRP B 235 3.50 -27.07 13.29
C TRP B 235 4.49 -25.92 13.01
N GLY B 236 5.16 -25.97 11.85
CA GLY B 236 6.09 -24.96 11.38
C GLY B 236 5.40 -23.65 11.11
N LEU B 237 4.21 -23.72 10.47
CA LEU B 237 3.37 -22.53 10.20
C LEU B 237 2.86 -21.89 11.48
N ALA B 238 2.48 -22.68 12.52
CA ALA B 238 2.05 -22.15 13.82
C ALA B 238 3.20 -21.38 14.45
N HIS B 239 4.41 -21.95 14.38
CA HIS B 239 5.65 -21.35 14.92
C HIS B 239 5.92 -20.03 14.19
N GLU B 240 5.76 -20.04 12.87
CA GLU B 240 5.92 -18.88 11.99
C GLU B 240 4.92 -17.79 12.25
N ARG B 241 3.63 -18.14 12.36
CA ARG B 241 2.53 -17.22 12.66
C ARG B 241 2.72 -16.49 13.99
N MET B 242 3.17 -17.17 15.06
CA MET B 242 3.45 -16.55 16.37
C MET B 242 4.54 -15.51 16.23
N SER B 243 5.57 -15.81 15.42
CA SER B 243 6.71 -14.92 15.17
C SER B 243 6.24 -13.70 14.36
N ILE B 244 5.50 -13.90 13.26
CA ILE B 244 4.90 -12.79 12.48
C ILE B 244 4.12 -11.84 13.38
N ALA B 245 3.29 -12.36 14.27
CA ALA B 245 2.53 -11.49 15.19
C ALA B 245 3.46 -10.64 16.09
N GLY B 246 4.55 -11.22 16.59
CA GLY B 246 5.49 -10.51 17.45
C GLY B 246 6.25 -9.48 16.64
N GLN B 247 6.58 -9.82 15.38
CA GLN B 247 7.30 -8.89 14.49
C GLN B 247 6.42 -7.67 14.17
N ILE B 248 5.10 -7.91 13.94
CA ILE B 248 4.12 -6.87 13.69
C ILE B 248 4.00 -5.94 14.91
N ALA B 249 3.81 -6.54 16.13
CA ALA B 249 3.71 -5.76 17.37
C ALA B 249 4.92 -4.83 17.53
N ALA B 250 6.14 -5.38 17.30
CA ALA B 250 7.36 -4.57 17.47
C ALA B 250 7.52 -3.51 16.38
N SER B 251 7.28 -3.89 15.11
CA SER B 251 7.40 -2.93 14.01
C SER B 251 6.39 -1.81 14.09
N CYS B 252 5.14 -2.10 14.54
CA CYS B 252 4.07 -1.11 14.74
C CYS B 252 4.46 -0.16 15.81
N GLN B 253 5.01 -0.66 16.94
CA GLN B 253 5.49 0.19 18.03
C GLN B 253 6.60 1.16 17.52
N ARG B 254 7.54 0.65 16.72
CA ARG B 254 8.58 1.47 16.14
C ARG B 254 7.98 2.58 15.25
N ALA B 255 7.03 2.23 14.34
CA ALA B 255 6.34 3.17 13.48
C ALA B 255 5.58 4.24 14.29
N ILE B 256 4.88 3.85 15.38
CA ILE B 256 4.12 4.79 16.23
C ILE B 256 5.07 5.83 16.88
N GLY B 257 6.22 5.34 17.37
CA GLY B 257 7.25 6.16 18.00
C GLY B 257 7.86 7.18 17.07
N ILE B 258 8.20 6.76 15.82
CA ILE B 258 8.75 7.64 14.74
C ILE B 258 7.67 8.70 14.36
N THR B 259 6.41 8.24 14.14
CA THR B 259 5.28 9.09 13.75
C THR B 259 4.99 10.13 14.81
N LEU B 260 5.07 9.76 16.08
CA LEU B 260 4.91 10.69 17.20
C LEU B 260 6.01 11.76 17.20
N ALA B 261 7.26 11.38 16.89
CA ALA B 261 8.37 12.35 16.80
C ALA B 261 8.09 13.38 15.67
N ARG B 262 7.62 12.89 14.52
CA ARG B 262 7.21 13.73 13.41
C ARG B 262 6.07 14.67 13.84
N MET B 263 5.08 14.13 14.55
CA MET B 263 3.90 14.87 14.99
C MET B 263 4.23 15.96 15.97
N MET B 264 5.27 15.73 16.78
CA MET B 264 5.64 16.70 17.80
C MET B 264 6.57 17.78 17.26
N SER B 265 7.11 17.61 16.04
CA SER B 265 7.97 18.62 15.40
C SER B 265 7.24 19.36 14.27
N ARG B 266 6.44 18.64 13.46
CA ARG B 266 5.69 19.23 12.33
C ARG B 266 4.58 20.18 12.79
N ARG B 267 4.66 21.43 12.33
CA ARG B 267 3.68 22.48 12.63
C ARG B 267 2.77 22.71 11.41
N GLN B 268 1.46 22.91 11.64
CA GLN B 268 0.46 23.19 10.60
C GLN B 268 -0.76 23.84 11.25
N PHE B 269 -1.25 24.98 10.68
CA PHE B 269 -2.38 25.77 11.19
C PHE B 269 -2.12 26.26 12.65
N GLY B 270 -0.89 26.70 12.89
CA GLY B 270 -0.43 27.27 14.15
C GLY B 270 -0.13 26.32 15.30
N GLN B 271 -0.30 25.00 15.10
CA GLN B 271 -0.06 23.99 16.14
C GLN B 271 0.77 22.85 15.56
N THR B 272 1.46 22.08 16.46
CA THR B 272 2.13 20.84 16.04
C THR B 272 1.01 19.84 15.71
N LEU B 273 1.32 18.80 14.92
CA LEU B 273 0.32 17.77 14.57
C LEU B 273 -0.26 17.06 15.81
N PHE B 274 0.57 16.86 16.84
CA PHE B 274 0.16 16.22 18.09
C PHE B 274 -0.87 17.06 18.82
N GLU B 275 -0.86 18.39 18.63
CA GLU B 275 -1.82 19.30 19.24
C GLU B 275 -3.16 19.28 18.50
N HIS B 276 -3.20 18.70 17.29
CA HIS B 276 -4.46 18.51 16.59
C HIS B 276 -5.13 17.26 17.18
N GLN B 277 -6.15 17.46 18.01
CA GLN B 277 -6.84 16.37 18.72
C GLN B 277 -7.25 15.16 17.85
N ALA B 278 -7.72 15.39 16.61
CA ALA B 278 -8.13 14.27 15.75
C ALA B 278 -6.97 13.32 15.44
N LEU B 279 -5.75 13.84 15.26
CA LEU B 279 -4.56 13.04 15.00
C LEU B 279 -4.07 12.35 16.29
N ARG B 280 -4.11 13.09 17.43
CA ARG B 280 -3.70 12.64 18.75
C ARG B 280 -4.50 11.44 19.20
N LEU B 281 -5.83 11.56 19.16
CA LEU B 281 -6.70 10.46 19.62
C LEU B 281 -6.62 9.24 18.72
N ARG B 282 -6.37 9.47 17.41
CA ARG B 282 -6.26 8.40 16.41
C ARG B 282 -5.04 7.58 16.76
N MET B 283 -3.93 8.24 17.06
CA MET B 283 -2.65 7.61 17.48
C MET B 283 -2.77 6.94 18.83
N ALA B 284 -3.47 7.54 19.79
CA ALA B 284 -3.72 6.95 21.12
C ALA B 284 -4.51 5.61 20.97
N ASP B 285 -5.53 5.58 20.08
CA ASP B 285 -6.31 4.36 19.78
C ASP B 285 -5.38 3.28 19.17
N LEU B 286 -4.55 3.66 18.18
CA LEU B 286 -3.62 2.68 17.56
C LEU B 286 -2.59 2.16 18.57
N GLN B 287 -2.08 3.06 19.43
CA GLN B 287 -1.16 2.72 20.51
C GLN B 287 -1.79 1.72 21.49
N ALA B 288 -3.03 2.01 21.93
CA ALA B 288 -3.76 1.16 22.86
C ALA B 288 -3.91 -0.24 22.27
N ARG B 289 -4.24 -0.32 20.99
CA ARG B 289 -4.43 -1.60 20.30
C ARG B 289 -3.14 -2.38 20.05
N VAL B 290 -2.03 -1.70 19.80
CA VAL B 290 -0.73 -2.36 19.59
C VAL B 290 -0.24 -2.86 20.94
N ASP B 291 -0.51 -2.12 22.01
CA ASP B 291 -0.19 -2.49 23.38
C ASP B 291 -0.93 -3.75 23.78
N LEU B 292 -2.20 -3.82 23.41
CA LEU B 292 -3.06 -4.95 23.67
C LEU B 292 -2.51 -6.18 22.99
N LEU B 293 -2.02 -6.07 21.73
CA LEU B 293 -1.43 -7.17 20.99
C LEU B 293 -0.13 -7.65 21.67
N ARG B 294 0.67 -6.72 22.17
CA ARG B 294 1.94 -7.04 22.84
C ARG B 294 1.64 -7.78 24.16
N TYR B 295 0.68 -7.28 24.95
CA TYR B 295 0.24 -7.93 26.20
C TYR B 295 -0.35 -9.29 25.92
N ALA B 296 -1.12 -9.43 24.84
CA ALA B 296 -1.71 -10.73 24.43
C ALA B 296 -0.63 -11.77 24.10
N LEU B 297 0.46 -11.35 23.46
CA LEU B 297 1.58 -12.22 23.12
C LEU B 297 2.29 -12.74 24.36
N HIS B 298 2.43 -11.88 25.41
CA HIS B 298 2.96 -12.23 26.73
C HIS B 298 1.99 -13.23 27.40
N GLY B 299 0.69 -12.96 27.29
CA GLY B 299 -0.37 -13.82 27.82
C GLY B 299 -0.34 -15.20 27.19
N ILE B 300 -0.16 -15.25 25.87
CA ILE B 300 -0.04 -16.52 25.15
C ILE B 300 1.25 -17.26 25.63
N ALA B 301 2.40 -16.57 25.66
CA ALA B 301 3.70 -17.14 26.07
C ALA B 301 3.67 -17.76 27.48
N GLU B 302 2.93 -17.10 28.43
CA GLU B 302 2.73 -17.54 29.82
C GLU B 302 2.04 -18.92 29.84
N GLN B 303 1.15 -19.22 28.88
CA GLN B 303 0.52 -20.54 28.71
C GLN B 303 1.54 -21.63 28.37
N GLY B 304 2.68 -21.21 27.82
CA GLY B 304 3.82 -22.05 27.50
C GLY B 304 3.60 -23.23 26.57
N ARG B 305 2.81 -23.03 25.53
CA ARG B 305 2.57 -24.10 24.56
C ARG B 305 2.22 -23.49 23.23
N LEU B 306 2.63 -24.17 22.16
CA LEU B 306 2.36 -23.71 20.81
C LEU B 306 1.09 -24.41 20.37
N GLU B 307 0.05 -23.61 20.12
CA GLU B 307 -1.28 -24.07 19.70
C GLU B 307 -1.56 -23.50 18.34
N LEU B 308 -1.97 -24.35 17.45
CA LEU B 308 -2.24 -24.05 16.05
C LEU B 308 -3.27 -22.93 15.86
N ARG B 309 -4.40 -23.03 16.59
CA ARG B 309 -5.50 -22.07 16.52
C ARG B 309 -5.18 -20.74 17.12
N THR B 310 -4.46 -20.73 18.26
CA THR B 310 -4.03 -19.51 18.95
C THR B 310 -3.05 -18.74 18.05
N ALA B 311 -2.11 -19.44 17.39
CA ALA B 311 -1.13 -18.84 16.48
C ALA B 311 -1.89 -18.27 15.30
N ALA B 312 -2.84 -19.03 14.73
CA ALA B 312 -3.66 -18.56 13.60
C ALA B 312 -4.43 -17.27 13.96
N ALA B 313 -5.09 -17.27 15.11
CA ALA B 313 -5.93 -16.14 15.60
C ALA B 313 -5.10 -14.87 15.88
N VAL B 314 -3.93 -15.03 16.49
CA VAL B 314 -3.11 -13.86 16.80
C VAL B 314 -2.45 -13.28 15.53
N LYS B 315 -2.05 -14.13 14.56
CA LYS B 315 -1.39 -13.64 13.36
C LYS B 315 -2.40 -12.90 12.45
N VAL B 316 -3.60 -13.47 12.18
CA VAL B 316 -4.60 -12.74 11.36
C VAL B 316 -4.99 -11.38 12.02
N THR B 317 -5.16 -11.37 13.35
CA THR B 317 -5.54 -10.16 14.06
C THR B 317 -4.45 -9.08 13.91
N ALA B 318 -3.20 -9.47 14.14
CA ALA B 318 -2.02 -8.63 14.08
C ALA B 318 -1.79 -8.11 12.68
N ALA B 319 -1.90 -8.99 11.64
CA ALA B 319 -1.75 -8.60 10.23
C ALA B 319 -2.71 -7.47 9.86
N ARG B 320 -4.01 -7.61 10.24
CA ARG B 320 -5.08 -6.64 9.97
C ARG B 320 -4.88 -5.35 10.75
N LEU B 321 -4.45 -5.46 12.02
CA LEU B 321 -4.10 -4.30 12.85
C LEU B 321 -2.88 -3.56 12.27
N GLY B 322 -1.83 -4.29 11.92
CA GLY B 322 -0.59 -3.75 11.38
C GLY B 322 -0.82 -2.98 10.09
N GLU B 323 -1.75 -3.49 9.22
CA GLU B 323 -2.05 -2.79 7.97
C GLU B 323 -2.64 -1.39 8.27
N GLU B 324 -3.54 -1.32 9.25
CA GLU B 324 -4.17 -0.08 9.65
C GLU B 324 -3.15 0.88 10.28
N VAL B 325 -2.33 0.39 11.24
CA VAL B 325 -1.30 1.22 11.88
C VAL B 325 -0.35 1.86 10.83
N ILE B 326 0.21 1.07 9.95
CA ILE B 326 1.16 1.62 8.98
C ILE B 326 0.47 2.59 7.99
N SER B 327 -0.74 2.26 7.55
CA SER B 327 -1.50 3.15 6.66
C SER B 327 -1.78 4.52 7.31
N GLU B 328 -2.15 4.54 8.58
CA GLU B 328 -2.46 5.76 9.31
C GLU B 328 -1.21 6.57 9.70
N CYS B 329 -0.08 5.87 9.97
CA CYS B 329 1.19 6.54 10.22
C CYS B 329 1.65 7.19 8.91
N MET B 330 1.53 6.46 7.76
CA MET B 330 1.88 6.98 6.46
C MET B 330 1.07 8.26 6.13
N HIS B 331 -0.24 8.22 6.44
CA HIS B 331 -1.15 9.34 6.21
C HIS B 331 -0.70 10.62 6.94
N ILE B 332 -0.21 10.47 8.20
CA ILE B 332 0.22 11.58 9.08
C ILE B 332 1.54 12.22 8.57
N PHE B 333 2.27 11.50 7.73
CA PHE B 333 3.47 12.04 7.10
C PHE B 333 3.13 12.90 5.84
N GLY B 334 1.84 12.97 5.48
CA GLY B 334 1.32 13.72 4.33
C GLY B 334 2.07 13.45 3.02
N GLY B 335 2.38 14.51 2.28
CA GLY B 335 3.10 14.42 1.02
C GLY B 335 4.47 13.76 1.18
N ALA B 336 5.21 14.13 2.26
CA ALA B 336 6.53 13.54 2.59
C ALA B 336 6.45 12.03 2.69
N GLY B 337 5.32 11.49 3.20
CA GLY B 337 5.07 10.05 3.31
C GLY B 337 5.06 9.35 1.97
N TYR B 338 4.73 10.10 0.91
CA TYR B 338 4.64 9.61 -0.45
C TYR B 338 5.96 9.74 -1.25
N LEU B 339 6.96 10.43 -0.67
CA LEU B 339 8.26 10.63 -1.31
C LEU B 339 9.30 9.65 -0.78
N VAL B 340 9.69 8.71 -1.63
CA VAL B 340 10.63 7.63 -1.34
C VAL B 340 12.02 8.13 -0.83
N ASP B 341 12.50 9.28 -1.30
CA ASP B 341 13.81 9.80 -0.87
C ASP B 341 13.68 10.75 0.30
N GLU B 342 12.45 10.99 0.78
CA GLU B 342 12.28 11.84 1.94
C GLU B 342 12.00 11.01 3.20
N THR B 343 11.12 9.99 3.07
CA THR B 343 10.74 9.07 4.17
C THR B 343 10.70 7.62 3.68
N THR B 344 10.77 6.68 4.63
CA THR B 344 10.71 5.24 4.34
C THR B 344 9.30 4.66 4.67
N LEU B 345 8.32 5.52 4.99
CA LEU B 345 6.93 5.11 5.31
C LEU B 345 6.28 4.22 4.23
N GLY B 346 6.54 4.51 2.96
CA GLY B 346 6.05 3.74 1.83
C GLY B 346 6.58 2.32 1.84
N LYS B 347 7.87 2.16 2.17
CA LYS B 347 8.52 0.85 2.27
C LYS B 347 7.85 0.03 3.39
N TRP B 348 7.63 0.67 4.56
CA TRP B 348 6.94 0.05 5.71
C TRP B 348 5.54 -0.42 5.35
N TRP B 349 4.83 0.44 4.65
CA TRP B 349 3.47 0.21 4.20
C TRP B 349 3.43 -0.94 3.20
N ARG B 350 4.32 -0.93 2.17
CA ARG B 350 4.43 -2.00 1.16
C ARG B 350 4.81 -3.37 1.80
N ASP B 351 5.69 -3.36 2.82
CA ASP B 351 6.14 -4.53 3.59
C ASP B 351 4.98 -5.12 4.37
N MET B 352 4.27 -4.27 5.12
CA MET B 352 3.12 -4.67 5.92
C MET B 352 1.96 -5.32 5.10
N LYS B 353 1.76 -4.95 3.83
CA LYS B 353 0.69 -5.51 2.99
C LYS B 353 0.83 -7.05 2.78
N LEU B 354 2.05 -7.57 2.96
CA LEU B 354 2.31 -8.99 2.87
C LEU B 354 1.69 -9.77 4.06
N ALA B 355 1.57 -9.13 5.22
CA ALA B 355 1.13 -9.76 6.48
C ALA B 355 -0.19 -10.52 6.41
N ARG B 356 -1.16 -10.01 5.63
CA ARG B 356 -2.48 -10.64 5.50
C ARG B 356 -2.47 -11.82 4.53
N VAL B 357 -1.37 -11.96 3.75
CA VAL B 357 -1.31 -13.02 2.75
C VAL B 357 -0.21 -14.05 3.07
N GLY B 358 1.02 -13.58 3.27
CA GLY B 358 2.14 -14.46 3.61
C GLY B 358 1.97 -15.05 4.99
N GLY B 359 2.25 -16.35 5.11
CA GLY B 359 2.13 -17.06 6.36
C GLY B 359 0.70 -17.44 6.70
N GLY B 360 -0.17 -17.46 5.69
CA GLY B 360 -1.57 -17.83 5.86
C GLY B 360 -2.44 -16.61 5.68
N THR B 361 -3.36 -16.66 4.70
CA THR B 361 -4.33 -15.60 4.42
C THR B 361 -5.32 -15.46 5.56
N ASP B 362 -5.96 -14.28 5.70
CA ASP B 362 -6.99 -14.06 6.73
C ASP B 362 -8.03 -15.14 6.76
N GLU B 363 -8.54 -15.52 5.57
CA GLU B 363 -9.65 -16.50 5.42
C GLU B 363 -9.29 -17.88 5.90
N VAL B 364 -8.08 -18.36 5.55
CA VAL B 364 -7.56 -19.67 5.95
C VAL B 364 -7.40 -19.70 7.47
N LEU B 365 -6.84 -18.66 8.04
CA LEU B 365 -6.66 -18.54 9.49
C LEU B 365 -7.97 -18.40 10.22
N TRP B 366 -8.96 -17.67 9.65
CA TRP B 366 -10.27 -17.61 10.27
C TRP B 366 -10.98 -18.97 10.18
N GLU B 367 -10.79 -19.75 9.11
CA GLU B 367 -11.33 -21.12 9.03
C GLU B 367 -10.74 -22.03 10.11
N LEU B 368 -9.44 -21.86 10.44
CA LEU B 368 -8.81 -22.63 11.51
C LEU B 368 -9.40 -22.25 12.83
N VAL B 369 -9.58 -20.95 13.06
CA VAL B 369 -10.18 -20.48 14.32
C VAL B 369 -11.62 -21.03 14.47
N ALA B 370 -12.42 -20.91 13.41
CA ALA B 370 -13.82 -21.33 13.40
C ALA B 370 -13.97 -22.81 13.69
N ALA B 371 -13.05 -23.65 13.15
CA ALA B 371 -13.06 -25.11 13.29
C ALA B 371 -12.99 -25.59 14.74
N GLY B 372 -12.43 -24.77 15.62
CA GLY B 372 -12.32 -25.12 17.03
C GLY B 372 -13.23 -24.32 17.93
N MET B 373 -14.18 -23.58 17.36
CA MET B 373 -15.10 -22.77 18.15
C MET B 373 -16.19 -23.67 18.72
N THR B 374 -16.54 -23.49 19.98
CA THR B 374 -17.47 -24.36 20.64
C THR B 374 -18.80 -23.66 21.05
N PRO B 375 -19.96 -24.23 20.65
CA PRO B 375 -21.25 -23.63 21.06
C PRO B 375 -21.49 -23.75 22.56
N ASP B 376 -22.28 -22.82 23.09
CA ASP B 376 -22.66 -22.79 24.48
C ASP B 376 -24.17 -23.11 24.54
N HIS B 377 -24.50 -24.40 24.69
CA HIS B 377 -25.87 -24.94 24.80
C HIS B 377 -26.67 -24.46 26.01
N ASP B 378 -26.02 -24.37 27.18
CA ASP B 378 -26.67 -23.91 28.41
C ASP B 378 -27.06 -22.44 28.35
N GLY B 379 -26.15 -21.61 27.85
CA GLY B 379 -26.40 -20.18 27.70
C GLY B 379 -27.49 -19.94 26.68
N TYR B 380 -27.42 -20.67 25.54
CA TYR B 380 -28.42 -20.60 24.47
C TYR B 380 -29.81 -20.99 25.00
N ALA B 381 -29.89 -22.05 25.84
CA ALA B 381 -31.14 -22.47 26.51
C ALA B 381 -31.67 -21.33 27.39
N ALA B 382 -30.78 -20.55 28.06
CA ALA B 382 -31.16 -19.43 28.91
C ALA B 382 -31.62 -18.17 28.14
N VAL B 383 -31.14 -18.00 26.88
CA VAL B 383 -31.50 -16.84 26.06
C VAL B 383 -32.81 -17.05 25.31
N VAL B 384 -33.20 -18.33 25.04
CA VAL B 384 -34.44 -18.65 24.31
C VAL B 384 -35.53 -19.22 25.22
O22 P33 C . -7.42 0.14 -10.73
C21 P33 C . -7.50 1.37 -9.96
C20 P33 C . -6.11 1.87 -9.58
O19 P33 C . -6.02 3.29 -9.74
C18 P33 C . -6.27 3.72 -8.47
C17 P33 C . -5.95 5.18 -8.48
O16 P33 C . -6.65 5.72 -9.57
C15 P33 C . -7.52 6.69 -9.08
C14 P33 C . -6.71 7.97 -9.08
O13 P33 C . -7.24 8.80 -8.09
C12 P33 C . -6.71 8.44 -6.83
C11 P33 C . -5.39 9.17 -6.65
O10 P33 C . -5.69 10.54 -6.81
C9 P33 C . -4.80 11.11 -5.97
C8 P33 C . -5.09 12.52 -6.14
O7 P33 C . -3.91 13.09 -6.60
C6 P33 C . -4.01 14.39 -6.16
C5 P33 C . -2.73 15.07 -6.56
O4 P33 C . -3.07 16.43 -6.77
C3 P33 C . -2.19 17.28 -6.17
C2 P33 C . -0.99 17.23 -7.10
PA FDA D . 0.91 18.41 6.21
O1A FDA D . 2.13 18.79 6.96
O2A FDA D . 0.01 19.60 5.83
O5B FDA D . -0.04 17.43 6.97
C5B FDA D . 0.50 16.25 7.52
C4B FDA D . -0.63 15.54 8.21
O4B FDA D . -1.19 16.39 9.26
C3B FDA D . -1.73 15.26 7.21
O3B FDA D . -2.27 13.96 7.44
C2B FDA D . -2.77 16.29 7.57
O2B FDA D . -3.98 15.76 7.27
C1B FDA D . -2.56 16.45 9.10
N9A FDA D . -2.97 17.73 9.39
C8A FDA D . -2.53 18.93 8.88
N7A FDA D . -3.29 19.91 9.42
C5A FDA D . -4.16 19.31 10.25
C6A FDA D . -5.15 19.78 11.01
N6A FDA D . -5.38 21.08 11.04
N1A FDA D . -5.91 19.00 11.75
C2A FDA D . -5.71 17.67 11.71
N3A FDA D . -4.72 17.19 10.94
C4A FDA D . -3.96 17.99 10.23
N1 FDA D . 0.44 20.66 -4.27
C2 FDA D . 0.52 21.56 -5.27
O2 FDA D . 0.68 22.75 -5.03
N3 FDA D . 0.48 21.21 -6.57
C4 FDA D . 0.34 19.94 -6.96
O4 FDA D . 0.34 19.66 -8.20
C4X FDA D . 0.23 18.97 -5.97
N5 FDA D . 0.09 17.64 -6.25
C5X FDA D . 0.75 16.77 -5.41
C6 FDA D . 1.29 15.62 -5.93
C7 FDA D . 1.93 14.75 -5.06
C7M FDA D . 2.49 13.60 -5.62
C8 FDA D . 1.97 15.02 -3.70
C8M FDA D . 2.63 14.17 -2.80
C9 FDA D . 1.43 16.20 -3.21
C9A FDA D . 0.74 17.06 -4.05
N10 FDA D . 0.23 18.30 -3.60
C10 FDA D . 0.26 19.30 -4.53
C1' FDA D . 0.20 18.56 -2.16
C2' FDA D . -1.12 18.11 -1.65
O2' FDA D . -2.10 18.96 -2.28
C3' FDA D . -1.29 18.20 -0.11
O3' FDA D . -2.04 19.31 0.35
C4' FDA D . -0.01 18.26 0.66
O4' FDA D . 0.87 17.29 0.20
C5' FDA D . -0.42 17.90 2.04
O5' FDA D . 0.32 18.78 2.90
P FDA D . 1.67 18.27 3.56
O1P FDA D . 2.44 17.29 2.77
O2P FDA D . 2.51 19.52 3.56
O3P FDA D . 1.34 17.66 4.95
C2 P6G E . 7.13 -16.77 3.07
C3 P6G E . 6.02 -17.15 4.06
O4 P6G E . 5.93 -16.22 5.15
C5 P6G E . 5.60 -14.90 4.77
C6 P6G E . 5.15 -14.23 6.03
O7 P6G E . 4.95 -12.88 5.72
C8 P6G E . 4.52 -12.15 6.85
C9 P6G E . 4.66 -10.68 6.47
O10 P6G E . 5.16 -10.01 7.60
C11 P6G E . 4.85 -8.64 7.48
C12 P6G E . 4.99 -8.10 8.89
O13 P6G E . 6.34 -7.71 9.10
C14 P6G E . 6.34 -6.37 9.62
C15 P6G E . 6.61 -5.33 8.51
O16 P6G E . 7.62 -4.42 9.00
C17 P6G E . 7.68 -3.14 8.33
C18 P6G E . 6.69 -2.13 8.94
O19 P6G E . 7.32 -1.27 9.92
PA FDA F . -5.11 -18.22 -3.05
O1A FDA F . -5.40 -18.54 -4.45
O2A FDA F . -5.06 -19.50 -2.11
O5B FDA F . -6.22 -17.29 -2.45
C5B FDA F . -6.43 -15.96 -2.99
C4B FDA F . -7.50 -15.28 -2.12
O4B FDA F . -8.68 -16.15 -1.92
C3B FDA F . -6.98 -14.92 -0.75
O3B FDA F . -7.62 -13.71 -0.31
C2B FDA F . -7.51 -16.09 0.07
O2B FDA F . -7.61 -15.78 1.45
C1B FDA F . -8.86 -16.41 -0.54
N9A FDA F . -9.25 -17.85 -0.26
C8A FDA F . -8.62 -19.00 -0.57
N7A FDA F . -9.32 -20.01 -0.04
C5A FDA F . -10.42 -19.50 0.55
C6A FDA F . -11.49 -20.06 1.18
N6A FDA F . -11.51 -21.38 1.42
N1A FDA F . -12.46 -19.28 1.69
C2A FDA F . -12.40 -17.91 1.56
N3A FDA F . -11.31 -17.37 0.90
C4A FDA F . -10.35 -18.16 0.40
N1 FDA F . 4.80 -20.30 0.86
C2 FDA F . 5.74 -21.24 1.07
O2 FDA F . 5.49 -22.43 0.88
N3 FDA F . 6.99 -20.90 1.50
C4 FDA F . 7.38 -19.62 1.74
O4 FDA F . 8.58 -19.44 2.06
C4X FDA F . 6.46 -18.57 1.52
N5 FDA F . 6.65 -17.18 1.74
C5X FDA F . 5.96 -16.26 0.88
C6 FDA F . 6.49 -15.02 0.52
C7 FDA F . 5.80 -14.18 -0.37
C7M FDA F . 6.39 -12.96 -0.74
C8 FDA F . 4.52 -14.56 -0.83
C8M FDA F . 3.75 -13.75 -1.67
C9 FDA F . 3.99 -15.79 -0.43
C9A FDA F . 4.64 -16.63 0.48
N10 FDA F . 4.19 -18.00 0.73
C10 FDA F . 5.08 -18.94 1.09
C1' FDA F . 2.78 -18.49 0.43
C2' FDA F . 1.67 -17.64 1.28
O2' FDA F . 2.08 -18.14 2.62
C3' FDA F . 0.10 -17.84 1.05
O3' FDA F . -0.27 -19.26 1.64
C4' FDA F . -0.07 -18.07 -0.46
O4' FDA F . 0.40 -16.86 -1.01
C5' FDA F . -1.53 -18.09 -0.49
O5' FDA F . -2.09 -18.82 -1.58
P FDA F . -2.25 -18.05 -2.97
O1P FDA F . -1.27 -16.96 -3.15
O2P FDA F . -2.20 -19.22 -4.05
O3P FDA F . -3.74 -17.41 -2.96
#